data_3C8Z
#
_entry.id   3C8Z
#
_cell.length_a   123.521
_cell.length_b   123.521
_cell.length_c   186.026
_cell.angle_alpha   90.00
_cell.angle_beta   90.00
_cell.angle_gamma   120.00
#
_symmetry.space_group_name_H-M   'H 3'
#
loop_
_entity.id
_entity.type
_entity.pdbx_description
1 polymer 'Cysteinyl-tRNA synthetase'
2 non-polymer 'ZINC ION'
3 non-polymer 'SULFATE ION'
4 non-polymer "5'-O-(N-(L-CYSTEINYL)-SULFAMOYL)ADENOSINE"
5 non-polymer 'PENTAETHYLENE GLYCOL'
6 non-polymer '4-(2-HYDROXYETHYL)-1-PIPERAZINE ETHANESULFONIC ACID'
7 water water
#
_entity_poly.entity_id   1
_entity_poly.type   'polypeptide(L)'
_entity_poly.pdbx_seq_one_letter_code
;HMMQSWSAPAIPVVPGRGPALRLFDSADRQVRPVTPGPTATMYVCGITPYDATHLGHAATYLTFDLVHRLWLDAGHTVQY
VQNVTDVDDPLFERAERDGIDWRTLGDRETQLFREDMAALRVLPPHDYVAATDAIAEVVEMVEKLLASGAAYIVEDAEYP
DVYFRADATAQFGYESGYDRDTMLTLFAERGGDPDRPGKSDQLDALLWRAERPGEPSWPSPFGRGRPGWHVECSAIALTR
IGTGLDIQGGGSDLIFPHHEYSAAHAESVTGERRFARHYVHTGMIGWDGHKMSKSRGNLVLVSQLRAQGVDPSAIRLGLF
SGHYREDRFWSNEVLDEANARLARWRSATALPEAPDATDVIARVRQYLADDLDTPKALAALDGWCTDALSYGGHDTESPR
LVATTVDALLGVDL
;
_entity_poly.pdbx_strand_id   A,B
#
loop_
_chem_comp.id
_chem_comp.type
_chem_comp.name
_chem_comp.formula
1PE non-polymer 'PENTAETHYLENE GLYCOL' 'C10 H22 O6'
5CA non-polymer 5'-O-(N-(L-CYSTEINYL)-SULFAMOYL)ADENOSINE 'C13 H19 N7 O7 S2'
EPE non-polymer '4-(2-HYDROXYETHYL)-1-PIPERAZINE ETHANESULFONIC ACID' 'C8 H18 N2 O4 S'
SO4 non-polymer 'SULFATE ION' 'O4 S -2'
ZN non-polymer 'ZINC ION' 'Zn 2'
#
# COMPACT_ATOMS: atom_id res chain seq x y z
N MET A 3 25.28 -12.21 -20.62
CA MET A 3 25.08 -13.67 -20.44
C MET A 3 24.15 -14.22 -21.51
N GLN A 4 24.28 -15.52 -21.78
CA GLN A 4 23.32 -16.23 -22.64
C GLN A 4 21.96 -16.19 -21.94
N SER A 5 20.90 -15.96 -22.71
CA SER A 5 19.54 -16.05 -22.18
C SER A 5 19.14 -17.49 -22.51
N TRP A 6 17.91 -17.71 -22.98
CA TRP A 6 17.50 -19.03 -23.41
C TRP A 6 16.84 -18.99 -24.79
N SER A 7 16.43 -20.15 -25.30
CA SER A 7 15.90 -20.20 -26.66
C SER A 7 14.43 -19.83 -26.73
N ALA A 8 14.10 -19.07 -27.78
CA ALA A 8 12.76 -18.58 -28.01
C ALA A 8 11.97 -19.58 -28.81
N PRO A 9 10.64 -19.62 -28.60
CA PRO A 9 9.76 -20.43 -29.44
C PRO A 9 9.52 -19.71 -30.77
N ALA A 10 8.98 -20.43 -31.75
CA ALA A 10 8.41 -19.77 -32.93
C ALA A 10 7.17 -18.99 -32.46
N ILE A 11 6.90 -17.87 -33.12
CA ILE A 11 5.76 -17.02 -32.77
C ILE A 11 5.03 -16.66 -34.07
N PRO A 12 3.79 -17.13 -34.22
CA PRO A 12 3.07 -16.77 -35.45
C PRO A 12 2.60 -15.32 -35.49
N VAL A 13 2.26 -14.84 -36.69
CA VAL A 13 1.61 -13.55 -36.85
C VAL A 13 0.07 -13.74 -36.90
N VAL A 14 -0.66 -12.99 -36.08
CA VAL A 14 -2.12 -13.15 -35.92
C VAL A 14 -2.82 -12.10 -36.79
N PRO A 15 -3.83 -12.52 -37.59
CA PRO A 15 -4.51 -11.54 -38.44
C PRO A 15 -5.41 -10.59 -37.64
N GLY A 16 -5.58 -9.38 -38.14
CA GLY A 16 -6.41 -8.37 -37.50
C GLY A 16 -5.60 -7.53 -36.55
N ARG A 17 -6.28 -6.59 -35.89
CA ARG A 17 -5.64 -5.66 -34.99
C ARG A 17 -6.59 -5.30 -33.85
N GLY A 18 -6.04 -4.97 -32.69
CA GLY A 18 -6.86 -4.64 -31.52
C GLY A 18 -6.42 -3.37 -30.82
N PRO A 19 -7.00 -3.06 -29.64
CA PRO A 19 -6.64 -1.84 -28.93
C PRO A 19 -5.23 -1.93 -28.36
N ALA A 20 -4.59 -0.78 -28.22
CA ALA A 20 -3.29 -0.69 -27.57
C ALA A 20 -3.44 -1.10 -26.09
N LEU A 21 -2.37 -1.69 -25.57
CA LEU A 21 -2.34 -2.16 -24.19
C LEU A 21 -2.56 -1.03 -23.16
N ARG A 22 -3.39 -1.32 -22.15
CA ARG A 22 -3.50 -0.48 -20.95
C ARG A 22 -3.17 -1.32 -19.73
N LEU A 23 -2.46 -0.74 -18.77
CA LEU A 23 -2.02 -1.46 -17.56
C LEU A 23 -2.18 -0.62 -16.31
N PHE A 24 -2.46 -1.29 -15.19
CA PHE A 24 -2.38 -0.67 -13.86
C PHE A 24 -0.94 -0.20 -13.57
N ASP A 25 -0.82 1.07 -13.19
CA ASP A 25 0.45 1.64 -12.75
C ASP A 25 0.39 1.78 -11.23
N SER A 26 1.35 1.18 -10.54
CA SER A 26 1.38 1.24 -9.08
C SER A 26 1.59 2.65 -8.53
N ALA A 27 2.29 3.49 -9.29
CA ALA A 27 2.53 4.86 -8.87
C ALA A 27 1.22 5.63 -8.91
N ASP A 28 0.61 5.72 -10.10
CA ASP A 28 -0.65 6.46 -10.29
C ASP A 28 -1.86 5.78 -9.64
N ARG A 29 -1.69 4.49 -9.28
CA ARG A 29 -2.73 3.66 -8.66
C ARG A 29 -4.01 3.59 -9.51
N GLN A 30 -3.81 3.44 -10.82
CA GLN A 30 -4.91 3.31 -11.77
C GLN A 30 -4.43 2.72 -13.10
N VAL A 31 -5.37 2.21 -13.88
CA VAL A 31 -5.10 1.69 -15.23
C VAL A 31 -4.90 2.84 -16.19
N ARG A 32 -3.82 2.76 -16.96
CA ARG A 32 -3.40 3.82 -17.85
C ARG A 32 -2.82 3.23 -19.14
N PRO A 33 -3.01 3.93 -20.29
CA PRO A 33 -2.39 3.53 -21.55
C PRO A 33 -0.88 3.34 -21.48
N VAL A 34 -0.40 2.25 -22.07
CA VAL A 34 1.02 2.03 -22.28
C VAL A 34 1.30 2.48 -23.73
N THR A 35 2.13 3.51 -23.88
CA THR A 35 2.35 4.14 -25.17
C THR A 35 3.84 4.11 -25.54
N PRO A 36 4.34 2.95 -25.99
CA PRO A 36 5.77 2.88 -26.29
C PRO A 36 6.11 3.47 -27.65
N GLY A 37 7.40 3.73 -27.87
CA GLY A 37 7.89 4.05 -29.20
C GLY A 37 7.99 2.77 -30.02
N PRO A 38 8.60 2.86 -31.22
CA PRO A 38 8.76 1.68 -32.08
C PRO A 38 9.35 0.49 -31.33
N THR A 39 10.38 0.75 -30.51
CA THR A 39 10.93 -0.26 -29.61
C THR A 39 10.40 0.02 -28.21
N ALA A 40 9.54 -0.88 -27.74
CA ALA A 40 8.99 -0.82 -26.39
C ALA A 40 10.01 -1.39 -25.40
N THR A 41 10.13 -0.76 -24.23
CA THR A 41 11.19 -1.14 -23.30
C THR A 41 10.65 -1.58 -21.94
N MET A 42 11.20 -2.66 -21.43
CA MET A 42 10.75 -3.24 -20.18
C MET A 42 11.92 -3.84 -19.41
N TYR A 43 12.00 -3.54 -18.11
CA TYR A 43 12.94 -4.17 -17.22
C TYR A 43 12.11 -4.92 -16.21
N VAL A 44 12.39 -6.21 -16.04
CA VAL A 44 11.69 -7.03 -15.07
C VAL A 44 12.71 -7.64 -14.12
N CYS A 45 12.49 -7.47 -12.83
CA CYS A 45 13.44 -7.96 -11.86
C CYS A 45 13.53 -9.49 -11.89
N GLY A 46 14.76 -9.94 -12.08
CA GLY A 46 15.10 -11.36 -12.28
C GLY A 46 15.26 -12.15 -10.99
N ILE A 47 15.76 -13.37 -11.12
CA ILE A 47 15.84 -14.25 -9.96
C ILE A 47 17.10 -14.02 -9.14
N THR A 48 17.01 -14.39 -7.87
CA THR A 48 18.20 -14.63 -7.03
C THR A 48 18.41 -16.13 -7.05
N PRO A 49 19.46 -16.59 -7.78
CA PRO A 49 19.58 -18.02 -8.12
C PRO A 49 20.18 -18.93 -7.05
N TYR A 50 19.51 -19.05 -5.91
CA TYR A 50 19.96 -20.00 -4.88
C TYR A 50 19.11 -21.27 -4.81
N ASP A 51 17.93 -21.23 -5.43
CA ASP A 51 17.05 -22.39 -5.47
C ASP A 51 16.30 -22.47 -6.80
N ALA A 52 15.33 -23.38 -6.87
CA ALA A 52 14.63 -23.65 -8.13
C ALA A 52 13.49 -22.66 -8.34
N THR A 53 13.23 -22.49 -9.63
CA THR A 53 12.09 -21.76 -10.05
C THR A 53 10.84 -22.39 -9.45
N HIS A 54 10.17 -21.66 -8.58
CA HIS A 54 8.83 -22.03 -8.21
C HIS A 54 7.74 -21.37 -9.00
N LEU A 55 6.52 -21.80 -8.81
CA LEU A 55 5.43 -21.33 -9.63
C LEU A 55 5.17 -19.87 -9.51
N GLY A 56 5.49 -19.33 -8.35
CA GLY A 56 5.52 -17.92 -8.13
C GLY A 56 6.39 -17.15 -9.09
N HIS A 57 7.68 -17.51 -9.15
CA HIS A 57 8.51 -16.86 -10.11
C HIS A 57 7.92 -17.03 -11.51
N ALA A 58 7.50 -18.25 -11.83
CA ALA A 58 6.94 -18.54 -13.15
C ALA A 58 5.76 -17.63 -13.46
N ALA A 59 4.81 -17.51 -12.53
CA ALA A 59 3.65 -16.64 -12.77
C ALA A 59 4.06 -15.22 -13.09
N THR A 60 5.05 -14.70 -12.37
CA THR A 60 5.53 -13.36 -12.61
C THR A 60 6.14 -13.21 -14.02
N TYR A 61 7.01 -14.13 -14.43
CA TYR A 61 7.61 -13.98 -15.77
C TYR A 61 6.62 -14.26 -16.89
N LEU A 62 5.63 -15.13 -16.62
CA LEU A 62 4.53 -15.36 -17.56
C LEU A 62 3.68 -14.12 -17.80
N THR A 63 3.39 -13.36 -16.73
CA THR A 63 2.67 -12.11 -16.91
C THR A 63 3.42 -11.18 -17.86
N PHE A 64 4.73 -11.06 -17.66
CA PHE A 64 5.48 -10.17 -18.51
C PHE A 64 5.70 -10.74 -19.90
N ASP A 65 5.61 -12.06 -20.01
CA ASP A 65 5.59 -12.70 -21.32
C ASP A 65 4.36 -12.25 -22.13
N LEU A 66 3.22 -12.10 -21.46
CA LEU A 66 2.00 -11.62 -22.13
C LEU A 66 2.18 -10.20 -22.65
N VAL A 67 2.76 -9.33 -21.82
CA VAL A 67 3.06 -7.97 -22.23
C VAL A 67 3.95 -7.99 -23.49
N HIS A 68 5.04 -8.74 -23.41
CA HIS A 68 5.99 -8.89 -24.52
C HIS A 68 5.25 -9.32 -25.79
N ARG A 69 4.44 -10.36 -25.67
CA ARG A 69 3.67 -10.90 -26.82
C ARG A 69 2.67 -9.92 -27.42
N LEU A 70 1.96 -9.19 -26.55
CA LEU A 70 1.02 -8.18 -27.02
C LEU A 70 1.73 -7.03 -27.71
N TRP A 71 2.90 -6.66 -27.21
CA TRP A 71 3.68 -5.64 -27.89
C TRP A 71 4.11 -6.10 -29.28
N LEU A 72 4.55 -7.36 -29.41
CA LEU A 72 4.94 -7.89 -30.73
C LEU A 72 3.71 -7.90 -31.66
N ASP A 73 2.56 -8.31 -31.12
CA ASP A 73 1.31 -8.36 -31.91
C ASP A 73 0.96 -7.01 -32.50
N ALA A 74 1.20 -5.95 -31.73
CA ALA A 74 0.95 -4.57 -32.13
C ALA A 74 2.00 -4.01 -33.11
N GLY A 75 3.04 -4.79 -33.40
CA GLY A 75 4.06 -4.42 -34.39
C GLY A 75 5.33 -3.75 -33.85
N HIS A 76 5.44 -3.68 -32.52
CA HIS A 76 6.64 -3.12 -31.88
C HIS A 76 7.79 -4.10 -31.94
N THR A 77 9.02 -3.58 -31.91
CA THR A 77 10.13 -4.42 -31.47
C THR A 77 10.21 -4.20 -29.96
N VAL A 78 10.84 -5.13 -29.28
CA VAL A 78 10.88 -5.04 -27.82
C VAL A 78 12.33 -5.06 -27.35
N GLN A 79 12.64 -4.25 -26.35
CA GLN A 79 13.88 -4.42 -25.60
C GLN A 79 13.52 -4.77 -24.17
N TYR A 80 13.66 -6.06 -23.86
CA TYR A 80 13.36 -6.65 -22.56
C TYR A 80 14.67 -6.95 -21.86
N VAL A 81 14.87 -6.32 -20.70
CA VAL A 81 16.09 -6.51 -19.93
C VAL A 81 15.71 -7.19 -18.63
N GLN A 82 16.50 -8.16 -18.21
CA GLN A 82 16.27 -8.85 -16.95
C GLN A 82 17.62 -9.17 -16.35
N ASN A 83 17.73 -8.94 -15.06
CA ASN A 83 18.98 -9.21 -14.34
C ASN A 83 19.00 -10.61 -13.72
N VAL A 84 20.15 -10.98 -13.15
CA VAL A 84 20.25 -12.08 -12.21
C VAL A 84 20.99 -11.53 -10.99
N THR A 85 20.38 -11.64 -9.82
CA THR A 85 21.01 -11.16 -8.59
C THR A 85 21.93 -12.28 -8.07
N ASP A 86 23.10 -12.43 -8.70
CA ASP A 86 23.93 -13.61 -8.47
C ASP A 86 24.92 -13.48 -7.30
N VAL A 87 24.93 -12.29 -6.69
CA VAL A 87 25.62 -12.06 -5.43
C VAL A 87 24.58 -11.58 -4.43
N ASP A 88 24.37 -12.34 -3.36
CA ASP A 88 23.33 -12.02 -2.40
C ASP A 88 23.46 -12.89 -1.16
N ASP A 89 23.03 -12.37 -0.01
CA ASP A 89 23.11 -13.11 1.24
C ASP A 89 22.51 -14.52 1.21
N PRO A 90 21.28 -14.69 0.68
CA PRO A 90 20.72 -16.06 0.63
C PRO A 90 21.55 -17.05 -0.19
N LEU A 91 22.22 -16.57 -1.23
CA LEU A 91 23.11 -17.44 -2.00
C LEU A 91 24.31 -17.87 -1.15
N PHE A 92 24.92 -16.91 -0.44
CA PHE A 92 26.05 -17.25 0.43
C PHE A 92 25.62 -18.25 1.47
N GLU A 93 24.43 -18.03 2.04
CA GLU A 93 23.89 -18.92 3.06
C GLU A 93 23.71 -20.36 2.54
N ARG A 94 23.13 -20.48 1.34
CA ARG A 94 22.90 -21.79 0.74
C ARG A 94 24.22 -22.44 0.32
N ALA A 95 25.15 -21.64 -0.19
CA ALA A 95 26.49 -22.11 -0.55
C ALA A 95 27.20 -22.74 0.64
N GLU A 96 27.12 -22.06 1.79
CA GLU A 96 27.74 -22.52 3.01
C GLU A 96 27.05 -23.79 3.51
N ARG A 97 25.71 -23.79 3.51
CA ARG A 97 24.95 -24.93 4.01
C ARG A 97 25.26 -26.22 3.22
N ASP A 98 25.30 -26.09 1.89
CA ASP A 98 25.43 -27.25 1.02
C ASP A 98 26.86 -27.60 0.58
N GLY A 99 27.82 -26.70 0.86
CA GLY A 99 29.23 -26.97 0.55
C GLY A 99 29.47 -26.88 -0.93
N ILE A 100 28.78 -25.92 -1.56
CA ILE A 100 28.92 -25.62 -3.00
C ILE A 100 29.40 -24.17 -3.14
N ASP A 101 30.38 -23.94 -4.01
CA ASP A 101 30.87 -22.57 -4.21
C ASP A 101 29.70 -21.69 -4.62
N TRP A 102 29.60 -20.49 -4.05
CA TRP A 102 28.48 -19.57 -4.37
C TRP A 102 28.34 -19.24 -5.86
N ARG A 103 29.45 -19.17 -6.58
CA ARG A 103 29.41 -18.89 -8.01
C ARG A 103 28.85 -20.09 -8.77
N THR A 104 29.27 -21.29 -8.37
CA THR A 104 28.81 -22.52 -8.99
C THR A 104 27.32 -22.70 -8.75
N LEU A 105 26.89 -22.45 -7.52
CA LEU A 105 25.47 -22.50 -7.18
C LEU A 105 24.64 -21.56 -8.08
N GLY A 106 25.04 -20.30 -8.17
CA GLY A 106 24.32 -19.31 -8.99
C GLY A 106 24.26 -19.77 -10.43
N ASP A 107 25.38 -20.30 -10.91
CA ASP A 107 25.44 -20.83 -12.28
C ASP A 107 24.45 -21.97 -12.52
N ARG A 108 24.43 -22.93 -11.60
CA ARG A 108 23.59 -24.12 -11.71
C ARG A 108 22.12 -23.72 -11.71
N GLU A 109 21.75 -22.84 -10.78
CA GLU A 109 20.33 -22.47 -10.66
C GLU A 109 19.88 -21.53 -11.77
N THR A 110 20.78 -20.67 -12.28
CA THR A 110 20.44 -19.87 -13.44
C THR A 110 20.16 -20.78 -14.64
N GLN A 111 20.99 -21.80 -14.82
CA GLN A 111 20.79 -22.73 -15.94
C GLN A 111 19.44 -23.45 -15.83
N LEU A 112 19.09 -23.91 -14.62
CA LEU A 112 17.78 -24.55 -14.41
C LEU A 112 16.64 -23.57 -14.72
N PHE A 113 16.79 -22.32 -14.32
CA PHE A 113 15.81 -21.26 -14.66
C PHE A 113 15.62 -21.12 -16.18
N ARG A 114 16.74 -21.09 -16.91
CA ARG A 114 16.72 -21.04 -18.38
C ARG A 114 15.89 -22.19 -18.92
N GLU A 115 16.10 -23.38 -18.38
CA GLU A 115 15.44 -24.59 -18.89
C GLU A 115 13.94 -24.53 -18.58
N ASP A 116 13.60 -24.02 -17.40
CA ASP A 116 12.20 -23.83 -17.02
C ASP A 116 11.49 -22.81 -17.91
N MET A 117 12.16 -21.69 -18.18
CA MET A 117 11.59 -20.63 -19.02
C MET A 117 11.39 -21.10 -20.45
N ALA A 118 12.38 -21.82 -20.97
CA ALA A 118 12.27 -22.30 -22.36
C ALA A 118 11.15 -23.34 -22.46
N ALA A 119 11.03 -24.21 -21.46
CA ALA A 119 9.96 -25.23 -21.45
C ALA A 119 8.59 -24.55 -21.43
N LEU A 120 8.50 -23.43 -20.70
CA LEU A 120 7.24 -22.68 -20.62
C LEU A 120 7.01 -21.78 -21.84
N ARG A 121 7.95 -21.78 -22.79
CA ARG A 121 7.87 -20.95 -24.00
C ARG A 121 7.80 -19.45 -23.69
N VAL A 122 8.40 -19.04 -22.56
CA VAL A 122 8.55 -17.64 -22.24
C VAL A 122 9.59 -17.01 -23.18
N LEU A 123 9.25 -15.89 -23.78
CA LEU A 123 10.19 -15.16 -24.66
C LEU A 123 11.38 -14.65 -23.84
N PRO A 124 12.59 -14.96 -24.29
CA PRO A 124 13.74 -14.52 -23.49
C PRO A 124 14.01 -13.03 -23.58
N PRO A 125 14.68 -12.46 -22.56
CA PRO A 125 15.08 -11.06 -22.60
C PRO A 125 16.17 -10.85 -23.65
N HIS A 126 16.25 -9.63 -24.16
CA HIS A 126 17.28 -9.25 -25.14
C HIS A 126 18.62 -9.01 -24.49
N ASP A 127 18.59 -8.47 -23.25
CA ASP A 127 19.79 -8.31 -22.41
C ASP A 127 19.54 -9.04 -21.09
N TYR A 128 20.33 -10.06 -20.83
CA TYR A 128 20.25 -10.82 -19.60
C TYR A 128 21.55 -10.49 -18.87
N VAL A 129 21.46 -9.86 -17.70
CA VAL A 129 22.64 -9.26 -17.08
C VAL A 129 22.84 -9.71 -15.63
N ALA A 130 23.97 -10.36 -15.34
CA ALA A 130 24.27 -10.76 -13.97
C ALA A 130 24.80 -9.56 -13.19
N ALA A 131 24.38 -9.45 -11.93
CA ALA A 131 24.85 -8.37 -11.07
C ALA A 131 26.37 -8.33 -11.01
N THR A 132 27.01 -9.49 -10.94
CA THR A 132 28.48 -9.54 -10.89
C THR A 132 29.16 -9.00 -12.15
N ASP A 133 28.40 -8.89 -13.24
CA ASP A 133 28.92 -8.34 -14.51
C ASP A 133 28.66 -6.84 -14.65
N ALA A 134 27.99 -6.25 -13.66
CA ALA A 134 27.59 -4.86 -13.73
C ALA A 134 28.17 -3.99 -12.61
N ILE A 135 29.28 -4.44 -12.02
CA ILE A 135 29.94 -3.69 -10.93
C ILE A 135 30.43 -2.31 -11.36
N ALA A 136 31.05 -2.22 -12.55
CA ALA A 136 31.51 -0.93 -13.03
C ALA A 136 30.39 0.10 -13.15
N GLU A 137 29.21 -0.34 -13.62
CA GLU A 137 28.05 0.54 -13.78
C GLU A 137 27.54 1.02 -12.42
N VAL A 138 27.52 0.11 -11.44
CA VAL A 138 27.14 0.48 -10.08
C VAL A 138 28.14 1.48 -9.49
N VAL A 139 29.43 1.16 -9.61
CA VAL A 139 30.46 2.03 -9.06
C VAL A 139 30.32 3.44 -9.68
N GLU A 140 30.12 3.51 -11.01
CA GLU A 140 29.96 4.80 -11.70
C GLU A 140 28.77 5.59 -11.17
N MET A 141 27.67 4.89 -10.91
CA MET A 141 26.46 5.52 -10.41
C MET A 141 26.65 6.02 -8.99
N VAL A 142 27.29 5.22 -8.15
CA VAL A 142 27.56 5.60 -6.75
C VAL A 142 28.51 6.82 -6.71
N GLU A 143 29.51 6.84 -7.60
CA GLU A 143 30.38 8.02 -7.71
C GLU A 143 29.57 9.30 -7.93
N LYS A 144 28.62 9.23 -8.86
CA LYS A 144 27.78 10.37 -9.19
C LYS A 144 26.92 10.80 -8.02
N LEU A 145 26.37 9.83 -7.30
CA LEU A 145 25.53 10.09 -6.14
C LEU A 145 26.30 10.71 -4.97
N LEU A 146 27.53 10.26 -4.77
CA LEU A 146 28.41 10.87 -3.77
C LEU A 146 28.71 12.32 -4.14
N ALA A 147 29.03 12.54 -5.41
CA ALA A 147 29.38 13.87 -5.91
C ALA A 147 28.27 14.91 -5.77
N SER A 148 27.01 14.47 -5.92
CA SER A 148 25.88 15.37 -5.77
C SER A 148 25.46 15.59 -4.31
N GLY A 149 25.93 14.72 -3.41
CA GLY A 149 25.51 14.77 -2.01
C GLY A 149 24.27 13.93 -1.74
N ALA A 150 23.78 13.23 -2.77
CA ALA A 150 22.65 12.30 -2.62
C ALA A 150 23.05 11.07 -1.79
N ALA A 151 24.35 10.76 -1.82
CA ALA A 151 24.92 9.65 -1.06
C ALA A 151 25.98 10.18 -0.10
N TYR A 152 26.29 9.38 0.91
CA TYR A 152 27.36 9.69 1.85
C TYR A 152 28.00 8.42 2.35
N ILE A 153 29.18 8.57 2.95
CA ILE A 153 29.87 7.45 3.57
C ILE A 153 29.66 7.55 5.07
N VAL A 154 29.15 6.48 5.67
CA VAL A 154 28.85 6.45 7.10
C VAL A 154 30.16 6.60 7.89
N GLU A 155 30.08 7.28 9.05
CA GLU A 155 31.28 7.54 9.86
C GLU A 155 31.62 6.31 10.71
N ASP A 156 32.19 5.31 10.04
CA ASP A 156 32.52 4.00 10.62
C ASP A 156 33.82 3.58 9.97
N ALA A 157 34.94 3.76 10.67
CA ALA A 157 36.24 3.46 10.09
C ALA A 157 36.39 1.99 9.72
N GLU A 158 35.79 1.12 10.53
CA GLU A 158 35.87 -0.32 10.32
C GLU A 158 35.08 -0.76 9.08
N TYR A 159 33.89 -0.19 8.92
CA TYR A 159 32.97 -0.57 7.83
C TYR A 159 32.36 0.67 7.22
N PRO A 160 33.10 1.37 6.34
CA PRO A 160 32.61 2.61 5.74
C PRO A 160 31.60 2.36 4.61
N ASP A 161 30.43 1.84 5.00
CA ASP A 161 29.33 1.62 4.05
C ASP A 161 28.86 2.94 3.42
N VAL A 162 28.38 2.86 2.19
CA VAL A 162 27.92 4.03 1.45
C VAL A 162 26.41 3.96 1.39
N TYR A 163 25.75 5.08 1.72
CA TYR A 163 24.26 5.15 1.78
C TYR A 163 23.68 6.20 0.84
N PHE A 164 22.50 5.88 0.32
CA PHE A 164 21.67 6.83 -0.41
C PHE A 164 20.69 7.49 0.56
N ARG A 165 20.62 8.81 0.54
CA ARG A 165 19.70 9.53 1.40
C ARG A 165 18.25 9.35 0.93
N ALA A 166 17.38 8.90 1.84
CA ALA A 166 15.96 8.75 1.51
C ALA A 166 15.34 10.08 1.06
N ASP A 167 15.88 11.20 1.52
CA ASP A 167 15.37 12.52 1.10
C ASP A 167 16.10 13.14 -0.11
N ALA A 168 16.92 12.34 -0.80
CA ALA A 168 17.61 12.83 -2.00
C ALA A 168 16.66 13.32 -3.08
N THR A 169 15.52 12.64 -3.22
CA THR A 169 14.50 13.07 -4.19
C THR A 169 13.24 13.56 -3.46
N ALA A 170 12.71 14.71 -3.90
CA ALA A 170 11.53 15.29 -3.28
C ALA A 170 10.32 14.37 -3.38
N GLN A 171 10.30 13.57 -4.45
CA GLN A 171 9.17 12.70 -4.79
C GLN A 171 9.25 11.31 -4.14
N PHE A 172 10.30 11.06 -3.34
CA PHE A 172 10.48 9.74 -2.72
C PHE A 172 9.18 9.24 -2.08
N GLY A 173 8.77 8.03 -2.45
CA GLY A 173 7.53 7.48 -1.91
C GLY A 173 6.40 7.45 -2.91
N TYR A 174 6.55 8.13 -4.05
CA TYR A 174 5.47 8.20 -5.03
C TYR A 174 5.21 6.84 -5.71
N GLU A 175 6.24 5.99 -5.79
CA GLU A 175 6.08 4.73 -6.50
C GLU A 175 5.24 3.71 -5.73
N SER A 176 5.38 3.71 -4.40
CA SER A 176 4.67 2.75 -3.53
C SER A 176 3.42 3.36 -2.92
N GLY A 177 3.49 4.66 -2.64
CA GLY A 177 2.42 5.35 -1.93
C GLY A 177 2.38 5.04 -0.44
N TYR A 178 3.36 4.29 0.05
CA TYR A 178 3.38 3.87 1.46
C TYR A 178 3.80 4.98 2.41
N ASP A 179 3.15 5.04 3.56
CA ASP A 179 3.56 5.95 4.61
C ASP A 179 4.90 5.52 5.24
N ARG A 180 5.51 6.42 5.99
CA ARG A 180 6.84 6.16 6.57
C ARG A 180 6.87 4.99 7.58
N ASP A 181 5.79 4.83 8.35
CA ASP A 181 5.74 3.74 9.32
C ASP A 181 5.70 2.37 8.61
N THR A 182 4.83 2.27 7.61
CA THR A 182 4.72 1.10 6.74
C THR A 182 6.07 0.83 6.07
N MET A 183 6.68 1.90 5.56
CA MET A 183 8.02 1.76 4.94
C MET A 183 9.04 1.18 5.91
N LEU A 184 9.10 1.72 7.12
CA LEU A 184 10.11 1.23 8.08
C LEU A 184 9.89 -0.24 8.40
N THR A 185 8.63 -0.63 8.56
CA THR A 185 8.31 -2.02 8.85
C THR A 185 8.73 -2.96 7.72
N LEU A 186 8.41 -2.60 6.47
CA LEU A 186 8.78 -3.43 5.33
C LEU A 186 10.30 -3.44 5.13
N PHE A 187 10.92 -2.28 5.34
CA PHE A 187 12.37 -2.12 5.16
C PHE A 187 13.13 -3.08 6.07
N ALA A 188 12.70 -3.15 7.34
CA ALA A 188 13.35 -4.00 8.32
C ALA A 188 13.31 -5.47 7.91
N GLU A 189 12.24 -5.86 7.22
CA GLU A 189 12.04 -7.26 6.82
C GLU A 189 12.71 -7.59 5.48
N ARG A 190 12.76 -6.61 4.58
CA ARG A 190 13.14 -6.84 3.19
C ARG A 190 14.54 -6.34 2.89
N GLY A 191 15.45 -6.68 3.80
CA GLY A 191 16.88 -6.46 3.56
C GLY A 191 17.46 -5.15 4.06
N GLY A 192 16.61 -4.28 4.60
CA GLY A 192 17.05 -2.98 5.09
C GLY A 192 17.76 -3.04 6.43
N ASP A 193 18.40 -1.94 6.81
CA ASP A 193 19.18 -1.87 8.04
C ASP A 193 18.81 -0.63 8.87
N PRO A 194 17.53 -0.54 9.28
CA PRO A 194 17.05 0.69 9.92
C PRO A 194 17.81 1.08 11.20
N ASP A 195 18.38 0.10 11.90
CA ASP A 195 19.10 0.33 13.15
C ASP A 195 20.62 0.44 12.99
N ARG A 196 21.10 0.53 11.75
CA ARG A 196 22.54 0.63 11.51
C ARG A 196 23.04 1.99 12.02
N PRO A 197 24.05 1.99 12.92
CA PRO A 197 24.51 3.24 13.51
C PRO A 197 25.15 4.22 12.53
N GLY A 198 24.83 5.50 12.68
CA GLY A 198 25.48 6.56 11.91
C GLY A 198 24.77 7.02 10.66
N LYS A 199 23.63 6.38 10.34
CA LYS A 199 22.84 6.81 9.19
C LYS A 199 22.12 8.13 9.49
N SER A 200 21.94 8.95 8.46
CA SER A 200 21.21 10.22 8.59
C SER A 200 19.72 10.00 8.87
N ASP A 201 19.16 8.95 8.27
CA ASP A 201 17.75 8.61 8.40
C ASP A 201 17.72 7.09 8.42
N GLN A 202 16.82 6.53 9.22
CA GLN A 202 16.66 5.07 9.28
C GLN A 202 16.36 4.48 7.89
N LEU A 203 15.70 5.26 7.04
CA LEU A 203 15.33 4.78 5.68
C LEU A 203 16.42 4.98 4.62
N ASP A 204 17.57 5.51 5.00
CA ASP A 204 18.66 5.55 4.02
C ASP A 204 19.02 4.14 3.56
N ALA A 205 19.30 3.98 2.26
CA ALA A 205 19.48 2.66 1.65
C ALA A 205 20.94 2.44 1.30
N LEU A 206 21.43 1.25 1.61
CA LEU A 206 22.80 0.86 1.30
C LEU A 206 23.03 0.85 -0.21
N LEU A 207 24.07 1.59 -0.62
CA LEU A 207 24.54 1.59 -2.02
C LEU A 207 25.75 0.69 -2.19
N TRP A 208 26.61 0.64 -1.18
CA TRP A 208 27.85 -0.12 -1.26
C TRP A 208 28.19 -0.62 0.12
N ARG A 209 28.25 -1.94 0.26
CA ARG A 209 28.59 -2.58 1.51
C ARG A 209 30.09 -2.75 1.58
N ALA A 210 30.71 -2.09 2.55
CA ALA A 210 32.16 -2.23 2.77
C ALA A 210 32.57 -3.68 2.96
N GLU A 211 33.79 -4.01 2.54
CA GLU A 211 34.33 -5.35 2.69
C GLU A 211 34.19 -5.88 4.12
N ARG A 212 33.64 -7.08 4.24
CA ARG A 212 33.66 -7.87 5.48
C ARG A 212 34.55 -9.09 5.28
N PRO A 213 35.23 -9.57 6.34
CA PRO A 213 35.95 -10.83 6.22
C PRO A 213 35.04 -11.98 5.81
N GLY A 214 35.43 -12.76 4.80
CA GLY A 214 34.62 -13.90 4.35
C GLY A 214 33.63 -13.66 3.22
N GLU A 215 33.50 -12.40 2.81
CA GLU A 215 32.60 -12.03 1.74
C GLU A 215 33.41 -11.69 0.49
N PRO A 216 32.88 -12.02 -0.71
CA PRO A 216 33.58 -11.57 -1.91
C PRO A 216 33.50 -10.05 -2.02
N SER A 217 34.44 -9.46 -2.75
CA SER A 217 34.48 -8.02 -2.84
C SER A 217 35.12 -7.56 -4.15
N TRP A 218 34.89 -6.29 -4.46
CA TRP A 218 35.40 -5.64 -5.67
C TRP A 218 36.01 -4.29 -5.26
N PRO A 219 37.00 -3.82 -6.03
CA PRO A 219 37.61 -2.53 -5.70
C PRO A 219 36.70 -1.38 -6.12
N SER A 220 36.86 -0.22 -5.48
CA SER A 220 36.21 0.99 -5.91
C SER A 220 36.95 2.21 -5.36
N PRO A 221 36.66 3.41 -5.90
CA PRO A 221 37.24 4.66 -5.35
C PRO A 221 36.77 5.01 -3.93
N PHE A 222 35.71 4.36 -3.46
CA PHE A 222 35.20 4.60 -2.12
C PHE A 222 35.37 3.35 -1.25
N GLY A 223 36.30 2.48 -1.66
CA GLY A 223 36.72 1.36 -0.83
C GLY A 223 36.21 0.01 -1.35
N ARG A 224 36.92 -1.05 -0.96
CA ARG A 224 36.54 -2.41 -1.39
C ARG A 224 35.19 -2.80 -0.79
N GLY A 225 34.38 -3.49 -1.58
CA GLY A 225 33.10 -3.96 -1.08
C GLY A 225 32.23 -4.57 -2.15
N ARG A 226 30.91 -4.49 -1.96
CA ARG A 226 29.99 -5.05 -2.94
C ARG A 226 28.70 -4.23 -2.99
N PRO A 227 27.97 -4.29 -4.11
CA PRO A 227 26.82 -3.41 -4.29
C PRO A 227 25.66 -3.67 -3.33
N GLY A 228 24.91 -2.62 -3.06
CA GLY A 228 23.58 -2.78 -2.49
C GLY A 228 22.64 -3.27 -3.57
N TRP A 229 21.49 -3.78 -3.14
CA TRP A 229 20.56 -4.45 -4.03
C TRP A 229 19.88 -3.51 -5.02
N HIS A 230 19.35 -2.40 -4.54
CA HIS A 230 18.53 -1.56 -5.42
C HIS A 230 19.33 -0.88 -6.52
N VAL A 231 20.56 -0.49 -6.20
CA VAL A 231 21.42 0.19 -7.17
C VAL A 231 21.86 -0.76 -8.30
N GLU A 232 21.92 -2.09 -8.03
CA GLU A 232 22.20 -3.06 -9.12
C GLU A 232 21.15 -2.94 -10.22
N CYS A 233 19.88 -3.06 -9.84
CA CYS A 233 18.82 -2.98 -10.83
C CYS A 233 18.69 -1.60 -11.47
N SER A 234 18.90 -0.55 -10.67
CA SER A 234 18.86 0.81 -11.17
C SER A 234 19.93 1.05 -12.25
N ALA A 235 21.14 0.60 -11.95
CA ALA A 235 22.28 0.78 -12.85
C ALA A 235 22.16 -0.06 -14.13
N ILE A 236 21.69 -1.29 -14.01
CA ILE A 236 21.50 -2.16 -15.18
C ILE A 236 20.42 -1.57 -16.09
N ALA A 237 19.32 -1.12 -15.49
CA ALA A 237 18.23 -0.51 -16.28
C ALA A 237 18.70 0.76 -16.97
N LEU A 238 19.44 1.62 -16.26
CA LEU A 238 19.88 2.89 -16.83
C LEU A 238 20.87 2.71 -17.97
N THR A 239 21.74 1.71 -17.84
CA THR A 239 22.80 1.53 -18.82
C THR A 239 22.37 0.69 -20.04
N ARG A 240 21.32 -0.13 -19.88
CA ARG A 240 20.83 -0.95 -20.99
C ARG A 240 19.71 -0.25 -21.75
N ILE A 241 18.85 0.45 -21.01
CA ILE A 241 17.66 1.05 -21.60
C ILE A 241 17.71 2.57 -21.61
N GLY A 242 18.21 3.15 -20.52
CA GLY A 242 18.30 4.59 -20.42
C GLY A 242 17.08 5.22 -19.80
N THR A 243 16.86 6.49 -20.12
CA THR A 243 15.77 7.24 -19.52
C THR A 243 14.37 6.88 -20.08
N GLY A 244 14.32 6.33 -21.30
CA GLY A 244 13.03 5.99 -21.92
C GLY A 244 12.60 4.57 -21.58
N LEU A 245 12.19 4.37 -20.31
CA LEU A 245 11.80 3.05 -19.82
C LEU A 245 10.28 2.95 -19.70
N ASP A 246 9.67 2.07 -20.48
CA ASP A 246 8.20 1.98 -20.49
C ASP A 246 7.66 1.28 -19.26
N ILE A 247 8.26 0.15 -18.92
CA ILE A 247 7.76 -0.67 -17.81
C ILE A 247 8.90 -1.14 -16.90
N GLN A 248 8.74 -0.86 -15.61
CA GLN A 248 9.53 -1.55 -14.58
C GLN A 248 8.60 -2.56 -13.94
N GLY A 249 8.99 -3.84 -13.95
CA GLY A 249 8.12 -4.92 -13.47
C GLY A 249 8.73 -5.84 -12.42
N GLY A 250 7.85 -6.53 -11.70
CA GLY A 250 8.24 -7.63 -10.81
C GLY A 250 7.09 -7.97 -9.90
N GLY A 251 7.35 -8.77 -8.88
CA GLY A 251 6.32 -9.14 -7.90
C GLY A 251 6.00 -7.98 -6.98
N SER A 252 4.80 -8.00 -6.40
CA SER A 252 4.33 -6.96 -5.50
C SER A 252 5.21 -6.76 -4.26
N ASP A 253 5.97 -7.79 -3.87
CA ASP A 253 6.91 -7.65 -2.75
C ASP A 253 8.02 -6.62 -3.06
N LEU A 254 8.22 -6.33 -4.35
CA LEU A 254 9.25 -5.36 -4.75
C LEU A 254 8.78 -3.90 -4.76
N ILE A 255 7.50 -3.67 -4.53
CA ILE A 255 7.01 -2.29 -4.53
C ILE A 255 7.82 -1.42 -3.56
N PHE A 256 8.04 -1.91 -2.35
CA PHE A 256 8.89 -1.23 -1.41
C PHE A 256 9.59 -2.25 -0.53
N PRO A 257 10.91 -2.14 -0.34
CA PRO A 257 11.82 -1.03 -0.72
C PRO A 257 12.29 -1.01 -2.18
N HIS A 258 12.34 -2.15 -2.82
CA HIS A 258 13.21 -2.28 -3.97
C HIS A 258 12.95 -1.25 -5.13
N HIS A 259 11.74 -1.24 -5.64
CA HIS A 259 11.42 -0.39 -6.77
C HIS A 259 11.39 1.11 -6.43
N GLU A 260 11.02 1.38 -5.20
CA GLU A 260 11.11 2.71 -4.69
C GLU A 260 12.54 3.28 -4.73
N TYR A 261 13.48 2.51 -4.16
CA TYR A 261 14.86 2.99 -4.16
C TYR A 261 15.48 2.93 -5.54
N SER A 262 15.18 1.89 -6.33
CA SER A 262 15.73 1.82 -7.69
C SER A 262 15.31 3.04 -8.50
N ALA A 263 14.04 3.40 -8.41
CA ALA A 263 13.56 4.62 -9.07
C ALA A 263 14.25 5.88 -8.53
N ALA A 264 14.36 5.99 -7.21
CA ALA A 264 14.97 7.18 -6.59
C ALA A 264 16.45 7.34 -6.96
N HIS A 265 17.20 6.23 -6.99
CA HIS A 265 18.63 6.29 -7.39
C HIS A 265 18.74 6.87 -8.79
N ALA A 266 17.89 6.36 -9.69
CA ALA A 266 17.94 6.76 -11.09
C ALA A 266 17.51 8.20 -11.31
N GLU A 267 16.43 8.60 -10.65
CA GLU A 267 15.91 9.97 -10.78
C GLU A 267 16.90 10.95 -10.19
N SER A 268 17.60 10.55 -9.14
CA SER A 268 18.63 11.41 -8.54
C SER A 268 19.81 11.62 -9.50
N VAL A 269 20.31 10.53 -10.09
CA VAL A 269 21.42 10.60 -11.04
C VAL A 269 21.07 11.34 -12.34
N THR A 270 19.85 11.15 -12.85
CA THR A 270 19.45 11.69 -14.17
C THR A 270 18.72 13.02 -14.14
N GLY A 271 18.09 13.34 -13.00
CA GLY A 271 17.24 14.52 -12.91
C GLY A 271 15.86 14.36 -13.53
N GLU A 272 15.55 13.17 -14.06
CA GLU A 272 14.21 12.86 -14.58
C GLU A 272 13.20 12.79 -13.42
N ARG A 273 11.96 13.15 -13.70
CA ARG A 273 10.88 13.11 -12.71
C ARG A 273 10.48 11.67 -12.38
N ARG A 274 10.49 10.81 -13.40
CA ARG A 274 10.06 9.43 -13.25
C ARG A 274 10.99 8.49 -13.98
N PHE A 275 11.49 7.49 -13.23
CA PHE A 275 12.33 6.42 -13.77
C PHE A 275 11.61 5.58 -14.83
N ALA A 276 10.44 5.04 -14.50
CA ALA A 276 9.65 4.22 -15.44
C ALA A 276 8.28 4.86 -15.68
N ARG A 277 7.77 4.73 -16.89
CA ARG A 277 6.44 5.27 -17.21
C ARG A 277 5.32 4.49 -16.53
N HIS A 278 5.50 3.19 -16.37
CA HIS A 278 4.58 2.31 -15.64
C HIS A 278 5.37 1.45 -14.67
N TYR A 279 4.88 1.32 -13.45
CA TYR A 279 5.37 0.29 -12.52
C TYR A 279 4.30 -0.80 -12.42
N VAL A 280 4.67 -2.00 -12.83
CA VAL A 280 3.74 -3.11 -13.00
C VAL A 280 4.10 -4.26 -12.08
N HIS A 281 3.15 -4.64 -11.21
CA HIS A 281 3.44 -5.62 -10.18
C HIS A 281 2.44 -6.75 -10.19
N THR A 282 2.96 -7.95 -10.10
CA THR A 282 2.16 -9.16 -10.09
C THR A 282 1.76 -9.56 -8.68
N GLY A 283 0.66 -10.29 -8.60
CA GLY A 283 0.21 -10.90 -7.35
C GLY A 283 1.12 -12.01 -6.91
N MET A 284 1.03 -12.34 -5.63
CA MET A 284 1.86 -13.37 -5.07
C MET A 284 1.16 -14.72 -5.18
N ILE A 285 1.88 -15.73 -5.66
CA ILE A 285 1.37 -17.10 -5.72
C ILE A 285 1.74 -17.85 -4.45
N GLY A 286 0.77 -18.58 -3.90
CA GLY A 286 1.03 -19.43 -2.73
C GLY A 286 0.51 -20.84 -2.93
N VAL A 300 5.17 -25.31 -5.42
CA VAL A 300 5.87 -26.39 -6.12
C VAL A 300 6.84 -25.82 -7.18
N LEU A 301 7.89 -26.58 -7.47
CA LEU A 301 8.91 -26.20 -8.45
C LEU A 301 8.45 -26.51 -9.87
N VAL A 302 8.71 -25.59 -10.79
CA VAL A 302 8.41 -25.81 -12.22
C VAL A 302 9.02 -27.13 -12.71
N SER A 303 10.30 -27.34 -12.42
CA SER A 303 11.03 -28.54 -12.84
C SER A 303 10.45 -29.84 -12.27
N GLN A 304 9.88 -29.78 -11.07
CA GLN A 304 9.21 -30.93 -10.47
C GLN A 304 7.97 -31.32 -11.28
N LEU A 305 7.13 -30.32 -11.58
CA LEU A 305 5.93 -30.54 -12.39
C LEU A 305 6.27 -31.08 -13.78
N ARG A 306 7.32 -30.53 -14.39
CA ARG A 306 7.78 -30.99 -15.71
C ARG A 306 8.25 -32.44 -15.64
N ALA A 307 9.04 -32.77 -14.61
CA ALA A 307 9.54 -34.13 -14.38
C ALA A 307 8.39 -35.13 -14.19
N GLN A 308 7.28 -34.66 -13.64
CA GLN A 308 6.05 -35.44 -13.45
C GLN A 308 5.22 -35.60 -14.73
N GLY A 309 5.69 -35.05 -15.84
CA GLY A 309 4.98 -35.13 -17.11
C GLY A 309 3.87 -34.12 -17.32
N VAL A 310 3.80 -33.10 -16.45
CA VAL A 310 2.83 -32.01 -16.61
C VAL A 310 3.16 -31.16 -17.86
N ASP A 311 2.13 -30.90 -18.67
CA ASP A 311 2.30 -30.11 -19.91
C ASP A 311 2.54 -28.65 -19.55
N PRO A 312 3.68 -28.08 -19.99
CA PRO A 312 3.92 -26.66 -19.65
C PRO A 312 2.79 -25.71 -20.05
N SER A 313 2.04 -26.04 -21.10
CA SER A 313 0.88 -25.22 -21.49
C SER A 313 -0.24 -25.23 -20.45
N ALA A 314 -0.37 -26.34 -19.73
CA ALA A 314 -1.30 -26.43 -18.59
C ALA A 314 -0.82 -25.53 -17.44
N ILE A 315 0.50 -25.47 -17.23
CA ILE A 315 1.05 -24.56 -16.20
C ILE A 315 0.67 -23.12 -16.54
N ARG A 316 0.94 -22.73 -17.80
CA ARG A 316 0.52 -21.42 -18.29
C ARG A 316 -0.95 -21.17 -18.01
N LEU A 317 -1.82 -22.02 -18.52
CA LEU A 317 -3.26 -21.81 -18.38
C LEU A 317 -3.72 -21.76 -16.93
N GLY A 318 -3.10 -22.57 -16.08
CA GLY A 318 -3.42 -22.59 -14.64
C GLY A 318 -3.10 -21.24 -14.01
N LEU A 319 -1.92 -20.73 -14.33
CA LEU A 319 -1.50 -19.43 -13.80
C LEU A 319 -2.24 -18.24 -14.42
N PHE A 320 -2.73 -18.40 -15.66
CA PHE A 320 -3.54 -17.38 -16.33
C PHE A 320 -5.04 -17.40 -15.93
N SER A 321 -5.46 -18.43 -15.20
CA SER A 321 -6.88 -18.55 -14.83
C SER A 321 -7.34 -17.46 -13.83
N GLY A 322 -6.39 -16.90 -13.09
CA GLY A 322 -6.64 -15.73 -12.26
C GLY A 322 -5.98 -14.50 -12.86
N HIS A 323 -6.45 -13.31 -12.47
CA HIS A 323 -5.91 -12.03 -12.96
C HIS A 323 -4.52 -11.82 -12.34
N TYR A 324 -3.60 -11.25 -13.12
CA TYR A 324 -2.20 -11.21 -12.70
C TYR A 324 -1.98 -10.44 -11.40
N ARG A 325 -2.86 -9.50 -11.09
CA ARG A 325 -2.69 -8.64 -9.91
C ARG A 325 -3.25 -9.27 -8.64
N GLU A 326 -3.99 -10.36 -8.80
CA GLU A 326 -4.53 -11.10 -7.66
C GLU A 326 -3.50 -12.02 -7.02
N ASP A 327 -3.49 -12.08 -5.70
CA ASP A 327 -2.76 -13.13 -5.02
C ASP A 327 -3.60 -14.36 -5.17
N ARG A 328 -2.98 -15.48 -5.49
CA ARG A 328 -3.77 -16.69 -5.63
C ARG A 328 -2.98 -17.95 -5.28
N PHE A 329 -3.73 -19.01 -4.95
CA PHE A 329 -3.15 -20.27 -4.52
C PHE A 329 -3.14 -21.26 -5.66
N TRP A 330 -2.01 -21.93 -5.82
CA TRP A 330 -1.91 -23.05 -6.73
C TRP A 330 -2.40 -24.28 -5.99
N SER A 331 -3.10 -25.16 -6.70
CA SER A 331 -3.57 -26.42 -6.13
C SER A 331 -3.76 -27.42 -7.28
N ASN A 332 -3.94 -28.69 -6.92
CA ASN A 332 -4.29 -29.71 -7.90
C ASN A 332 -5.61 -29.42 -8.61
N GLU A 333 -6.53 -28.74 -7.92
CA GLU A 333 -7.79 -28.32 -8.55
C GLU A 333 -7.52 -27.34 -9.70
N VAL A 334 -6.61 -26.39 -9.46
CA VAL A 334 -6.21 -25.43 -10.50
C VAL A 334 -5.57 -26.17 -11.67
N LEU A 335 -4.71 -27.14 -11.37
CA LEU A 335 -4.06 -27.94 -12.40
C LEU A 335 -5.07 -28.74 -13.23
N ASP A 336 -5.98 -29.43 -12.54
CA ASP A 336 -7.01 -30.25 -13.20
C ASP A 336 -7.85 -29.42 -14.17
N GLU A 337 -8.24 -28.24 -13.72
CA GLU A 337 -9.01 -27.30 -14.51
C GLU A 337 -8.23 -26.84 -15.75
N ALA A 338 -6.92 -26.67 -15.58
CA ALA A 338 -6.05 -26.24 -16.68
C ALA A 338 -5.89 -27.35 -17.70
N ASN A 339 -5.68 -28.58 -17.22
CA ASN A 339 -5.61 -29.75 -18.08
C ASN A 339 -6.90 -29.94 -18.88
N ALA A 340 -8.05 -29.75 -18.22
CA ALA A 340 -9.35 -29.89 -18.89
C ALA A 340 -9.55 -28.83 -19.97
N ARG A 341 -9.15 -27.59 -19.66
CA ARG A 341 -9.23 -26.48 -20.61
C ARG A 341 -8.33 -26.75 -21.81
N LEU A 342 -7.10 -27.18 -21.53
CA LEU A 342 -6.15 -27.47 -22.59
C LEU A 342 -6.68 -28.56 -23.54
N ALA A 343 -7.27 -29.62 -22.97
CA ALA A 343 -7.89 -30.69 -23.78
C ALA A 343 -9.03 -30.17 -24.65
N ARG A 344 -9.88 -29.31 -24.09
CA ARG A 344 -11.02 -28.76 -24.85
C ARG A 344 -10.59 -27.86 -26.00
N TRP A 345 -9.60 -27.00 -25.75
CA TRP A 345 -9.08 -26.11 -26.79
C TRP A 345 -8.41 -26.91 -27.91
N ARG A 346 -7.71 -27.99 -27.54
CA ARG A 346 -7.07 -28.86 -28.52
C ARG A 346 -8.10 -29.57 -29.40
N SER A 347 -9.20 -30.01 -28.78
CA SER A 347 -10.30 -30.66 -29.52
C SER A 347 -10.94 -29.73 -30.54
N ALA A 348 -11.35 -28.54 -30.10
CA ALA A 348 -11.99 -27.57 -30.98
C ALA A 348 -11.09 -27.10 -32.11
N THR A 349 -9.81 -26.91 -31.84
CA THR A 349 -8.91 -26.39 -32.86
C THR A 349 -8.41 -27.48 -33.83
N ALA A 350 -8.71 -28.74 -33.50
CA ALA A 350 -8.43 -29.89 -34.38
C ALA A 350 -9.60 -30.20 -35.33
N LEU A 351 -10.69 -29.44 -35.19
CA LEU A 351 -11.87 -29.60 -36.05
C LEU A 351 -11.58 -29.14 -37.48
N PRO A 352 -12.18 -29.84 -38.48
CA PRO A 352 -11.94 -29.44 -39.88
C PRO A 352 -12.64 -28.12 -40.23
N GLU A 353 -13.68 -27.80 -39.48
CA GLU A 353 -14.45 -26.58 -39.68
C GLU A 353 -15.12 -26.18 -38.37
N ALA A 354 -15.39 -24.89 -38.22
CA ALA A 354 -15.92 -24.35 -36.98
C ALA A 354 -16.50 -22.96 -37.26
N PRO A 355 -17.23 -22.37 -36.29
CA PRO A 355 -17.73 -21.02 -36.52
C PRO A 355 -16.62 -20.00 -36.77
N ASP A 356 -16.95 -18.94 -37.50
CA ASP A 356 -16.04 -17.83 -37.79
C ASP A 356 -15.38 -17.32 -36.50
N ALA A 357 -14.08 -17.04 -36.56
CA ALA A 357 -13.29 -16.71 -35.35
C ALA A 357 -12.99 -15.21 -35.19
N THR A 358 -13.44 -14.39 -36.14
CA THR A 358 -13.14 -12.96 -36.15
C THR A 358 -13.55 -12.26 -34.85
N ASP A 359 -14.75 -12.56 -34.35
CA ASP A 359 -15.23 -11.96 -33.12
C ASP A 359 -14.45 -12.42 -31.87
N VAL A 360 -14.21 -13.72 -31.75
CA VAL A 360 -13.52 -14.26 -30.56
C VAL A 360 -12.06 -13.79 -30.50
N ILE A 361 -11.41 -13.67 -31.67
CA ILE A 361 -10.05 -13.14 -31.75
C ILE A 361 -10.07 -11.68 -31.31
N ALA A 362 -11.07 -10.92 -31.76
CA ALA A 362 -11.23 -9.53 -31.39
C ALA A 362 -11.49 -9.36 -29.89
N ARG A 363 -12.31 -10.25 -29.32
CA ARG A 363 -12.61 -10.19 -27.89
C ARG A 363 -11.37 -10.53 -27.06
N VAL A 364 -10.63 -11.55 -27.48
CA VAL A 364 -9.40 -11.94 -26.79
C VAL A 364 -8.43 -10.76 -26.76
N ARG A 365 -8.27 -10.07 -27.90
CA ARG A 365 -7.40 -8.89 -27.94
C ARG A 365 -7.92 -7.76 -27.03
N GLN A 366 -9.23 -7.55 -27.02
CA GLN A 366 -9.83 -6.52 -26.17
C GLN A 366 -9.59 -6.79 -24.69
N TYR A 367 -9.79 -8.03 -24.29
CA TYR A 367 -9.67 -8.40 -22.89
C TYR A 367 -8.20 -8.34 -22.45
N LEU A 368 -7.30 -8.85 -23.29
CA LEU A 368 -5.87 -8.81 -22.95
C LEU A 368 -5.34 -7.37 -22.91
N ALA A 369 -5.84 -6.51 -23.80
CA ALA A 369 -5.45 -5.09 -23.78
C ALA A 369 -5.97 -4.32 -22.56
N ASP A 370 -7.03 -4.85 -21.93
CA ASP A 370 -7.62 -4.21 -20.78
C ASP A 370 -6.96 -4.76 -19.50
N ASP A 371 -5.75 -4.28 -19.24
CA ASP A 371 -4.97 -4.68 -18.08
C ASP A 371 -4.87 -6.21 -17.94
N LEU A 372 -4.61 -6.88 -19.07
CA LEU A 372 -4.34 -8.32 -19.08
C LEU A 372 -5.46 -9.14 -18.43
N ASP A 373 -6.68 -8.96 -18.92
CA ASP A 373 -7.81 -9.70 -18.35
C ASP A 373 -7.87 -11.14 -18.88
N THR A 374 -6.95 -11.98 -18.40
CA THR A 374 -6.86 -13.37 -18.84
C THR A 374 -8.07 -14.21 -18.47
N PRO A 375 -8.68 -13.98 -17.28
CA PRO A 375 -9.88 -14.79 -17.03
C PRO A 375 -10.98 -14.60 -18.08
N LYS A 376 -11.21 -13.34 -18.51
CA LYS A 376 -12.21 -13.07 -19.55
C LYS A 376 -11.78 -13.62 -20.92
N ALA A 377 -10.48 -13.47 -21.24
CA ALA A 377 -9.98 -14.03 -22.50
C ALA A 377 -10.16 -15.54 -22.54
N LEU A 378 -9.79 -16.21 -21.46
CA LEU A 378 -9.94 -17.66 -21.35
C LEU A 378 -11.41 -18.05 -21.49
N ALA A 379 -12.29 -17.25 -20.90
CA ALA A 379 -13.74 -17.53 -20.96
C ALA A 379 -14.30 -17.37 -22.36
N ALA A 380 -13.85 -16.34 -23.07
CA ALA A 380 -14.22 -16.12 -24.47
C ALA A 380 -13.80 -17.32 -25.34
N LEU A 381 -12.56 -17.80 -25.16
CA LEU A 381 -12.06 -18.96 -25.90
C LEU A 381 -12.80 -20.24 -25.53
N ASP A 382 -13.13 -20.42 -24.25
CA ASP A 382 -13.96 -21.55 -23.81
C ASP A 382 -15.27 -21.54 -24.56
N GLY A 383 -15.85 -20.35 -24.69
CA GLY A 383 -17.16 -20.16 -25.32
C GLY A 383 -17.16 -20.58 -26.76
N TRP A 384 -16.17 -20.10 -27.52
CA TRP A 384 -16.00 -20.47 -28.92
C TRP A 384 -15.80 -21.98 -29.08
N CYS A 385 -14.99 -22.58 -28.20
CA CYS A 385 -14.70 -24.01 -28.27
C CYS A 385 -15.95 -24.86 -28.02
N THR A 386 -16.75 -24.46 -27.04
CA THR A 386 -17.99 -25.17 -26.71
C THR A 386 -18.99 -25.08 -27.85
N ASP A 387 -19.10 -23.89 -28.44
CA ASP A 387 -19.95 -23.67 -29.60
C ASP A 387 -19.50 -24.50 -30.81
N ALA A 388 -18.19 -24.47 -31.10
CA ALA A 388 -17.61 -25.25 -32.20
C ALA A 388 -17.82 -26.75 -32.04
N LEU A 389 -17.69 -27.24 -30.80
CA LEU A 389 -17.80 -28.66 -30.52
C LEU A 389 -19.26 -29.13 -30.46
N SER A 390 -20.16 -28.24 -30.06
CA SER A 390 -21.58 -28.55 -29.95
C SER A 390 -22.37 -28.36 -31.25
N TYR A 391 -22.12 -27.25 -31.95
CA TYR A 391 -22.91 -26.91 -33.14
C TYR A 391 -22.13 -26.92 -34.46
N GLY A 392 -20.79 -27.00 -34.38
CA GLY A 392 -19.94 -26.96 -35.57
C GLY A 392 -20.02 -25.62 -36.28
N GLY A 393 -19.61 -25.60 -37.54
CA GLY A 393 -19.61 -24.38 -38.35
C GLY A 393 -19.04 -24.59 -39.73
N HIS A 394 -18.92 -23.52 -40.52
CA HIS A 394 -18.55 -23.65 -41.93
C HIS A 394 -17.25 -22.95 -42.33
N ASP A 395 -16.53 -22.42 -41.34
CA ASP A 395 -15.25 -21.78 -41.59
C ASP A 395 -14.18 -22.85 -41.46
N THR A 396 -13.51 -23.12 -42.58
CA THR A 396 -12.49 -24.15 -42.63
C THR A 396 -11.16 -23.67 -42.03
N GLU A 397 -11.02 -22.35 -41.87
CA GLU A 397 -9.77 -21.72 -41.43
C GLU A 397 -9.77 -21.35 -39.94
N SER A 398 -10.95 -21.11 -39.38
CA SER A 398 -11.08 -20.68 -37.98
C SER A 398 -10.38 -21.55 -36.91
N PRO A 399 -10.46 -22.90 -37.02
CA PRO A 399 -9.77 -23.70 -36.00
C PRO A 399 -8.25 -23.47 -35.96
N ARG A 400 -7.64 -23.39 -37.13
CA ARG A 400 -6.21 -23.12 -37.23
C ARG A 400 -5.88 -21.71 -36.70
N LEU A 401 -6.70 -20.73 -37.09
CA LEU A 401 -6.53 -19.35 -36.65
C LEU A 401 -6.69 -19.15 -35.14
N VAL A 402 -7.61 -19.89 -34.53
CA VAL A 402 -7.74 -19.84 -33.08
C VAL A 402 -6.48 -20.44 -32.42
N ALA A 403 -6.02 -21.58 -32.92
CA ALA A 403 -4.79 -22.19 -32.41
C ALA A 403 -3.58 -21.24 -32.61
N THR A 404 -3.47 -20.59 -33.76
CA THR A 404 -2.37 -19.62 -33.97
C THR A 404 -2.47 -18.42 -33.04
N THR A 405 -3.69 -17.97 -32.77
CA THR A 405 -3.91 -16.83 -31.91
C THR A 405 -3.49 -17.13 -30.47
N VAL A 406 -3.87 -18.31 -29.99
CA VAL A 406 -3.53 -18.76 -28.64
C VAL A 406 -2.01 -18.96 -28.48
N ASP A 407 -1.37 -19.43 -29.54
CA ASP A 407 0.09 -19.54 -29.58
C ASP A 407 0.76 -18.16 -29.48
N ALA A 408 0.42 -17.26 -30.40
CA ALA A 408 1.06 -15.93 -30.46
C ALA A 408 0.80 -15.08 -29.21
N LEU A 409 -0.45 -15.04 -28.75
CA LEU A 409 -0.83 -14.11 -27.69
C LEU A 409 -0.70 -14.68 -26.28
N LEU A 410 -1.04 -15.95 -26.12
CA LEU A 410 -0.98 -16.60 -24.80
C LEU A 410 0.22 -17.53 -24.60
N GLY A 411 0.95 -17.83 -25.68
CA GLY A 411 2.11 -18.73 -25.59
C GLY A 411 1.75 -20.19 -25.37
N VAL A 412 0.48 -20.51 -25.62
CA VAL A 412 -0.05 -21.85 -25.39
C VAL A 412 0.01 -22.65 -26.69
N ASP A 413 0.60 -23.83 -26.61
CA ASP A 413 0.86 -24.67 -27.78
C ASP A 413 -0.20 -25.77 -27.87
N LEU A 414 -1.20 -25.56 -28.70
CA LEU A 414 -2.29 -26.55 -28.83
C LEU A 414 -1.91 -27.67 -29.79
N HIS B 1 -23.41 5.29 26.52
CA HIS B 1 -22.86 6.70 26.65
C HIS B 1 -22.40 6.99 28.08
N MET B 2 -21.63 6.07 28.65
CA MET B 2 -21.21 6.17 30.05
C MET B 2 -19.83 6.77 30.27
N MET B 3 -18.95 6.69 29.27
CA MET B 3 -17.61 7.27 29.41
C MET B 3 -17.69 8.77 29.13
N GLN B 4 -17.08 9.58 29.99
CA GLN B 4 -17.05 11.01 29.70
C GLN B 4 -16.11 11.27 28.52
N SER B 5 -16.52 12.15 27.61
CA SER B 5 -15.56 12.69 26.63
C SER B 5 -15.13 14.03 27.26
N TRP B 6 -15.09 15.08 26.46
CA TRP B 6 -14.67 16.40 26.95
C TRP B 6 -15.60 17.51 26.47
N SER B 7 -15.40 18.73 26.99
CA SER B 7 -16.31 19.82 26.69
C SER B 7 -16.06 20.34 25.27
N ALA B 8 -17.07 20.97 24.69
CA ALA B 8 -16.99 21.50 23.33
C ALA B 8 -16.66 22.98 23.37
N PRO B 9 -15.89 23.47 22.40
CA PRO B 9 -15.71 24.92 22.30
C PRO B 9 -16.95 25.52 21.70
N ALA B 10 -17.11 26.84 21.83
CA ALA B 10 -18.17 27.53 21.14
C ALA B 10 -17.84 27.50 19.65
N ILE B 11 -18.85 27.31 18.81
CA ILE B 11 -18.64 27.30 17.36
C ILE B 11 -19.48 28.40 16.75
N PRO B 12 -18.82 29.46 16.26
CA PRO B 12 -19.63 30.48 15.60
C PRO B 12 -20.13 30.02 14.24
N VAL B 13 -21.15 30.71 13.73
CA VAL B 13 -21.70 30.41 12.43
C VAL B 13 -21.34 31.53 11.47
N VAL B 14 -20.72 31.16 10.36
CA VAL B 14 -20.41 32.08 9.30
C VAL B 14 -21.39 31.72 8.17
N PRO B 15 -22.19 32.70 7.73
CA PRO B 15 -23.21 32.39 6.74
C PRO B 15 -22.65 31.71 5.50
N GLY B 16 -23.43 30.78 4.97
CA GLY B 16 -23.13 30.09 3.71
C GLY B 16 -22.41 28.78 3.90
N ARG B 17 -21.77 28.33 2.83
CA ARG B 17 -21.03 27.08 2.81
C ARG B 17 -20.22 26.97 1.52
N GLY B 18 -19.27 26.02 1.50
CA GLY B 18 -18.45 25.82 0.33
C GLY B 18 -18.97 24.74 -0.60
N PRO B 19 -18.15 24.32 -1.55
CA PRO B 19 -18.46 23.22 -2.44
C PRO B 19 -18.58 21.89 -1.68
N ALA B 20 -19.04 20.84 -2.36
CA ALA B 20 -19.10 19.52 -1.76
C ALA B 20 -17.71 19.12 -1.25
N LEU B 21 -17.67 18.62 -0.03
CA LEU B 21 -16.40 18.10 0.50
C LEU B 21 -15.97 16.88 -0.32
N ARG B 22 -14.73 16.92 -0.80
CA ARG B 22 -14.13 15.77 -1.49
C ARG B 22 -12.92 15.34 -0.68
N LEU B 23 -12.80 14.03 -0.46
CA LEU B 23 -11.66 13.44 0.26
C LEU B 23 -11.08 12.26 -0.50
N PHE B 24 -9.77 12.05 -0.32
CA PHE B 24 -9.12 10.86 -0.84
C PHE B 24 -9.65 9.65 -0.09
N ASP B 25 -10.13 8.67 -0.85
CA ASP B 25 -10.56 7.40 -0.31
C ASP B 25 -9.45 6.39 -0.54
N SER B 26 -8.89 5.86 0.54
CA SER B 26 -7.81 4.86 0.43
C SER B 26 -8.17 3.61 -0.39
N ALA B 27 -9.44 3.19 -0.34
CA ALA B 27 -9.87 1.98 -1.05
C ALA B 27 -9.85 2.22 -2.57
N ASP B 28 -10.53 3.28 -3.01
CA ASP B 28 -10.67 3.61 -4.44
C ASP B 28 -9.42 4.31 -4.97
N ARG B 29 -8.58 4.83 -4.08
CA ARG B 29 -7.34 5.51 -4.45
C ARG B 29 -7.59 6.78 -5.26
N GLN B 30 -8.64 7.49 -4.92
CA GLN B 30 -8.95 8.74 -5.58
C GLN B 30 -9.69 9.70 -4.67
N VAL B 31 -9.57 10.98 -5.00
CA VAL B 31 -10.33 12.03 -4.33
C VAL B 31 -11.70 12.08 -4.97
N ARG B 32 -12.73 11.92 -4.15
CA ARG B 32 -14.10 12.05 -4.65
C ARG B 32 -15.02 12.56 -3.55
N PRO B 33 -16.22 13.05 -3.93
CA PRO B 33 -17.13 13.60 -2.92
C PRO B 33 -17.50 12.55 -1.88
N VAL B 34 -17.59 12.98 -0.63
CA VAL B 34 -18.01 12.09 0.44
C VAL B 34 -19.51 11.80 0.33
N THR B 35 -20.28 12.85 0.07
CA THR B 35 -21.75 12.78 -0.07
C THR B 35 -22.40 12.01 1.09
N PRO B 36 -22.32 12.57 2.32
CA PRO B 36 -22.78 11.87 3.51
C PRO B 36 -24.28 11.66 3.54
N GLY B 37 -24.71 10.73 4.39
CA GLY B 37 -26.09 10.33 4.46
C GLY B 37 -26.91 11.36 5.21
N PRO B 38 -28.20 11.05 5.44
CA PRO B 38 -29.09 11.97 6.16
C PRO B 38 -28.45 12.47 7.47
N THR B 39 -27.78 11.57 8.19
CA THR B 39 -26.85 11.97 9.24
C THR B 39 -25.48 11.70 8.67
N ALA B 40 -24.58 12.68 8.75
CA ALA B 40 -23.17 12.48 8.34
C ALA B 40 -22.45 11.67 9.42
N THR B 41 -21.96 10.47 9.09
CA THR B 41 -21.43 9.59 10.13
C THR B 41 -19.92 9.35 9.96
N MET B 42 -19.21 9.37 11.09
CA MET B 42 -17.75 9.20 11.06
C MET B 42 -17.32 8.40 12.28
N TYR B 43 -16.49 7.38 12.02
CA TYR B 43 -15.84 6.64 13.10
C TYR B 43 -14.35 6.86 12.97
N VAL B 44 -13.73 7.34 14.03
CA VAL B 44 -12.26 7.54 14.00
C VAL B 44 -11.63 6.71 15.14
N CYS B 45 -10.59 5.94 14.78
CA CYS B 45 -9.92 5.12 15.75
C CYS B 45 -9.22 5.95 16.83
N GLY B 46 -9.65 5.70 18.06
CA GLY B 46 -9.20 6.40 19.26
C GLY B 46 -7.89 5.94 19.79
N ILE B 47 -7.52 6.45 20.95
CA ILE B 47 -6.22 6.10 21.50
C ILE B 47 -6.21 4.76 22.22
N THR B 48 -5.02 4.16 22.26
CA THR B 48 -4.70 3.16 23.26
C THR B 48 -3.98 3.96 24.37
N PRO B 49 -4.60 4.05 25.55
CA PRO B 49 -4.13 5.03 26.55
C PRO B 49 -2.95 4.56 27.41
N TYR B 50 -1.82 4.29 26.78
CA TYR B 50 -0.68 3.84 27.58
C TYR B 50 0.37 4.92 27.72
N ASP B 51 0.19 5.99 26.94
CA ASP B 51 1.04 7.20 26.96
C ASP B 51 0.36 8.30 26.12
N ALA B 52 1.15 9.28 25.67
CA ALA B 52 0.63 10.38 24.83
C ALA B 52 0.07 11.53 25.72
N THR B 53 -0.70 12.49 25.18
CA THR B 53 -1.03 12.65 23.76
C THR B 53 0.17 13.21 23.00
N HIS B 54 0.72 12.46 22.05
CA HIS B 54 1.80 13.01 21.24
C HIS B 54 1.29 13.72 20.00
N LEU B 55 2.19 14.38 19.29
CA LEU B 55 1.81 15.26 18.19
C LEU B 55 1.34 14.47 16.97
N GLY B 56 1.80 13.22 16.87
CA GLY B 56 1.12 12.24 16.06
C GLY B 56 -0.38 12.18 16.33
N HIS B 57 -0.74 11.65 17.49
CA HIS B 57 -2.13 11.66 17.93
C HIS B 57 -2.84 12.94 17.50
N ALA B 58 -2.29 14.08 17.94
CA ALA B 58 -2.96 15.37 17.74
C ALA B 58 -3.25 15.66 16.30
N ALA B 59 -2.26 15.42 15.43
CA ALA B 59 -2.44 15.73 14.02
C ALA B 59 -3.60 14.90 13.44
N THR B 60 -3.67 13.64 13.86
CA THR B 60 -4.74 12.76 13.39
C THR B 60 -6.14 13.25 13.86
N TYR B 61 -6.29 13.55 15.15
CA TYR B 61 -7.60 14.01 15.63
C TYR B 61 -7.93 15.39 15.13
N LEU B 62 -6.90 16.21 14.89
CA LEU B 62 -7.17 17.54 14.31
C LEU B 62 -7.71 17.45 12.87
N THR B 63 -7.20 16.51 12.08
CA THR B 63 -7.69 16.31 10.72
C THR B 63 -9.19 16.00 10.75
N PHE B 64 -9.58 15.09 11.63
CA PHE B 64 -11.00 14.73 11.67
C PHE B 64 -11.86 15.80 12.31
N ASP B 65 -11.23 16.61 13.17
CA ASP B 65 -11.91 17.83 13.66
C ASP B 65 -12.25 18.77 12.50
N LEU B 66 -11.33 18.90 11.53
CA LEU B 66 -11.60 19.72 10.37
C LEU B 66 -12.80 19.17 9.59
N VAL B 67 -12.85 17.86 9.38
CA VAL B 67 -14.00 17.26 8.67
C VAL B 67 -15.31 17.55 9.44
N HIS B 68 -15.28 17.33 10.74
CA HIS B 68 -16.43 17.59 11.61
C HIS B 68 -16.87 19.05 11.44
N ARG B 69 -15.91 19.98 11.51
CA ARG B 69 -16.23 21.40 11.38
C ARG B 69 -16.78 21.80 10.00
N LEU B 70 -16.26 21.17 8.95
CA LEU B 70 -16.75 21.43 7.59
C LEU B 70 -18.17 20.91 7.41
N TRP B 71 -18.44 19.74 7.98
CA TRP B 71 -19.80 19.24 7.95
C TRP B 71 -20.76 20.18 8.67
N LEU B 72 -20.34 20.74 9.80
CA LEU B 72 -21.16 21.72 10.52
C LEU B 72 -21.35 23.01 9.73
N ASP B 73 -20.31 23.47 9.03
CA ASP B 73 -20.41 24.64 8.14
C ASP B 73 -21.49 24.38 7.09
N ALA B 74 -21.60 23.13 6.65
CA ALA B 74 -22.57 22.74 5.63
C ALA B 74 -23.98 22.60 6.23
N GLY B 75 -24.08 22.58 7.55
CA GLY B 75 -25.37 22.55 8.22
C GLY B 75 -25.83 21.11 8.39
N HIS B 76 -24.92 20.16 8.17
CA HIS B 76 -25.25 18.76 8.40
C HIS B 76 -25.41 18.42 9.88
N THR B 77 -26.22 17.40 10.14
CA THR B 77 -26.25 16.75 11.44
C THR B 77 -25.17 15.67 11.40
N VAL B 78 -24.35 15.62 12.44
CA VAL B 78 -23.20 14.69 12.49
C VAL B 78 -23.34 13.68 13.62
N GLN B 79 -22.90 12.44 13.34
CA GLN B 79 -22.69 11.47 14.38
C GLN B 79 -21.23 11.02 14.30
N TYR B 80 -20.45 11.45 15.29
CA TYR B 80 -19.02 11.15 15.36
C TYR B 80 -18.80 10.20 16.52
N VAL B 81 -18.25 9.02 16.21
CA VAL B 81 -17.98 7.99 17.20
C VAL B 81 -16.46 7.77 17.27
N GLN B 82 -15.94 7.67 18.49
CA GLN B 82 -14.53 7.39 18.71
C GLN B 82 -14.44 6.43 19.90
N ASN B 83 -13.51 5.48 19.82
CA ASN B 83 -13.32 4.49 20.86
C ASN B 83 -12.13 4.85 21.75
N VAL B 84 -11.96 4.08 22.84
CA VAL B 84 -10.70 3.99 23.57
C VAL B 84 -10.36 2.50 23.68
N THR B 85 -9.15 2.15 23.26
CA THR B 85 -8.71 0.76 23.31
C THR B 85 -8.09 0.53 24.68
N ASP B 86 -8.95 0.36 25.69
CA ASP B 86 -8.48 0.42 27.08
C ASP B 86 -8.01 -0.91 27.65
N VAL B 87 -8.09 -1.95 26.83
CA VAL B 87 -7.44 -3.22 27.14
C VAL B 87 -6.63 -3.58 25.90
N ASP B 88 -5.32 -3.77 26.08
CA ASP B 88 -4.43 -3.95 24.92
C ASP B 88 -3.09 -4.47 25.40
N ASP B 89 -2.42 -5.25 24.54
CA ASP B 89 -1.08 -5.74 24.87
C ASP B 89 -0.07 -4.62 25.13
N PRO B 90 0.04 -3.63 24.19
CA PRO B 90 0.94 -2.50 24.47
C PRO B 90 0.63 -1.83 25.81
N LEU B 91 -0.65 -1.76 26.16
CA LEU B 91 -1.06 -1.20 27.44
C LEU B 91 -0.63 -2.07 28.63
N PHE B 92 -0.85 -3.38 28.55
CA PHE B 92 -0.34 -4.30 29.57
C PHE B 92 1.17 -4.19 29.74
N GLU B 93 1.89 -4.05 28.62
CA GLU B 93 3.36 -3.98 28.64
C GLU B 93 3.87 -2.72 29.33
N ARG B 94 3.24 -1.59 29.05
CA ARG B 94 3.64 -0.32 29.67
C ARG B 94 3.30 -0.35 31.16
N ALA B 95 2.15 -0.95 31.50
CA ALA B 95 1.72 -1.07 32.89
C ALA B 95 2.64 -1.99 33.69
N GLU B 96 3.19 -3.00 33.01
CA GLU B 96 4.16 -3.90 33.63
C GLU B 96 5.52 -3.23 33.81
N ARG B 97 5.91 -2.43 32.83
CA ARG B 97 7.14 -1.62 32.88
C ARG B 97 7.06 -0.59 34.01
N ASP B 98 6.07 0.31 33.93
CA ASP B 98 5.91 1.42 34.88
C ASP B 98 5.54 1.00 36.32
N GLY B 99 5.15 -0.25 36.51
CA GLY B 99 4.74 -0.75 37.83
C GLY B 99 3.39 -0.23 38.29
N ILE B 100 2.39 -0.34 37.41
CA ILE B 100 1.07 0.25 37.62
C ILE B 100 -0.03 -0.69 37.10
N ASP B 101 -1.23 -0.62 37.67
CA ASP B 101 -2.37 -1.39 37.18
C ASP B 101 -2.82 -0.88 35.80
N TRP B 102 -3.12 -1.79 34.88
CA TRP B 102 -3.53 -1.40 33.52
C TRP B 102 -4.77 -0.51 33.52
N ARG B 103 -5.70 -0.75 34.44
CA ARG B 103 -6.92 0.07 34.52
C ARG B 103 -6.57 1.49 34.96
N THR B 104 -5.70 1.59 35.96
CA THR B 104 -5.22 2.89 36.46
C THR B 104 -4.46 3.70 35.40
N LEU B 105 -3.53 3.04 34.70
CA LEU B 105 -2.78 3.68 33.64
C LEU B 105 -3.73 4.21 32.57
N GLY B 106 -4.67 3.36 32.16
CA GLY B 106 -5.61 3.74 31.12
C GLY B 106 -6.48 4.92 31.54
N ASP B 107 -6.97 4.89 32.78
CA ASP B 107 -7.77 6.02 33.27
C ASP B 107 -6.99 7.32 33.28
N ARG B 108 -5.73 7.26 33.69
CA ARG B 108 -4.94 8.48 33.87
C ARG B 108 -4.62 9.07 32.50
N GLU B 109 -4.23 8.22 31.56
CA GLU B 109 -3.85 8.70 30.23
C GLU B 109 -5.08 9.15 29.40
N THR B 110 -6.23 8.49 29.60
CA THR B 110 -7.47 8.97 28.96
C THR B 110 -7.84 10.37 29.45
N GLN B 111 -7.69 10.58 30.76
CA GLN B 111 -7.93 11.91 31.32
C GLN B 111 -6.99 12.96 30.74
N LEU B 112 -5.71 12.64 30.61
CA LEU B 112 -4.78 13.58 29.98
C LEU B 112 -5.20 13.87 28.53
N PHE B 113 -5.62 12.82 27.82
CA PHE B 113 -6.13 12.97 26.44
C PHE B 113 -7.31 13.95 26.38
N ARG B 114 -8.29 13.79 27.27
CA ARG B 114 -9.42 14.73 27.34
C ARG B 114 -8.93 16.16 27.51
N GLU B 115 -7.93 16.35 28.36
CA GLU B 115 -7.43 17.70 28.61
C GLU B 115 -6.71 18.27 27.40
N ASP B 116 -5.95 17.43 26.71
CA ASP B 116 -5.27 17.90 25.49
C ASP B 116 -6.30 18.22 24.38
N MET B 117 -7.33 17.38 24.24
CA MET B 117 -8.35 17.63 23.21
C MET B 117 -9.12 18.91 23.49
N ALA B 118 -9.48 19.13 24.75
CA ALA B 118 -10.19 20.35 25.10
C ALA B 118 -9.29 21.57 24.90
N ALA B 119 -8.02 21.46 25.26
CA ALA B 119 -7.11 22.59 25.07
C ALA B 119 -6.95 22.92 23.58
N LEU B 120 -6.91 21.89 22.73
CA LEU B 120 -6.79 22.07 21.28
C LEU B 120 -8.11 22.49 20.61
N ARG B 121 -9.17 22.59 21.40
CA ARG B 121 -10.50 22.99 20.90
C ARG B 121 -11.06 21.99 19.88
N VAL B 122 -10.78 20.70 20.11
CA VAL B 122 -11.27 19.63 19.24
C VAL B 122 -12.71 19.30 19.66
N LEU B 123 -13.63 19.25 18.70
CA LEU B 123 -15.01 18.88 19.02
C LEU B 123 -15.07 17.44 19.51
N PRO B 124 -15.74 17.21 20.64
CA PRO B 124 -15.86 15.84 21.13
C PRO B 124 -16.78 14.98 20.27
N PRO B 125 -16.62 13.65 20.36
CA PRO B 125 -17.54 12.74 19.66
C PRO B 125 -18.90 12.69 20.32
N HIS B 126 -19.90 12.25 19.57
CA HIS B 126 -21.23 12.05 20.13
C HIS B 126 -21.31 10.79 20.96
N ASP B 127 -20.45 9.83 20.62
CA ASP B 127 -20.38 8.55 21.32
C ASP B 127 -18.91 8.29 21.57
N TYR B 128 -18.51 8.15 22.83
CA TYR B 128 -17.12 7.87 23.21
C TYR B 128 -17.13 6.52 23.93
N VAL B 129 -16.58 5.51 23.28
CA VAL B 129 -16.85 4.13 23.71
C VAL B 129 -15.57 3.36 24.04
N ALA B 130 -15.44 2.92 25.29
CA ALA B 130 -14.29 2.10 25.68
C ALA B 130 -14.46 0.66 25.22
N ALA B 131 -13.34 0.02 24.85
CA ALA B 131 -13.38 -1.41 24.49
C ALA B 131 -14.03 -2.21 25.63
N THR B 132 -13.69 -1.87 26.87
CA THR B 132 -14.22 -2.63 28.02
C THR B 132 -15.73 -2.41 28.23
N ASP B 133 -16.29 -1.42 27.56
CA ASP B 133 -17.73 -1.17 27.65
C ASP B 133 -18.49 -1.81 26.50
N ALA B 134 -17.76 -2.47 25.61
CA ALA B 134 -18.35 -3.01 24.37
C ALA B 134 -18.17 -4.52 24.25
N ILE B 135 -17.90 -5.17 25.37
CA ILE B 135 -17.65 -6.61 25.32
C ILE B 135 -18.89 -7.38 24.83
N ALA B 136 -20.08 -6.98 25.29
CA ALA B 136 -21.32 -7.70 24.89
C ALA B 136 -21.52 -7.62 23.39
N GLU B 137 -21.22 -6.45 22.82
CA GLU B 137 -21.35 -6.26 21.38
C GLU B 137 -20.37 -7.12 20.61
N VAL B 138 -19.16 -7.23 21.13
CA VAL B 138 -18.16 -8.09 20.49
C VAL B 138 -18.60 -9.55 20.55
N VAL B 139 -19.06 -9.98 21.74
CA VAL B 139 -19.49 -11.37 21.88
C VAL B 139 -20.63 -11.68 20.91
N GLU B 140 -21.59 -10.78 20.80
CA GLU B 140 -22.73 -10.98 19.88
C GLU B 140 -22.25 -11.10 18.42
N MET B 141 -21.30 -10.26 18.04
CA MET B 141 -20.76 -10.29 16.67
C MET B 141 -20.00 -11.58 16.41
N VAL B 142 -19.19 -12.00 17.36
CA VAL B 142 -18.41 -13.22 17.21
C VAL B 142 -19.32 -14.44 17.12
N GLU B 143 -20.40 -14.46 17.92
CA GLU B 143 -21.41 -15.53 17.79
C GLU B 143 -21.92 -15.62 16.37
N LYS B 144 -22.22 -14.48 15.76
CA LYS B 144 -22.78 -14.47 14.40
C LYS B 144 -21.73 -14.95 13.39
N LEU B 145 -20.49 -14.53 13.59
CA LEU B 145 -19.39 -14.97 12.71
C LEU B 145 -19.13 -16.49 12.85
N LEU B 146 -19.24 -17.03 14.06
CA LEU B 146 -19.12 -18.47 14.24
C LEU B 146 -20.26 -19.19 13.52
N ALA B 147 -21.48 -18.65 13.64
CA ALA B 147 -22.66 -19.34 13.11
C ALA B 147 -22.58 -19.41 11.58
N SER B 148 -22.00 -18.38 10.94
CA SER B 148 -21.91 -18.38 9.48
C SER B 148 -20.73 -19.18 8.92
N GLY B 149 -19.82 -19.56 9.81
CA GLY B 149 -18.58 -20.22 9.40
C GLY B 149 -17.47 -19.25 9.01
N ALA B 150 -17.73 -17.95 9.12
CA ALA B 150 -16.65 -16.95 8.89
C ALA B 150 -15.56 -17.07 9.95
N ALA B 151 -15.94 -17.53 11.14
CA ALA B 151 -15.03 -17.69 12.28
C ALA B 151 -14.98 -19.16 12.68
N TYR B 152 -13.89 -19.52 13.35
CA TYR B 152 -13.75 -20.86 13.90
C TYR B 152 -13.01 -20.82 15.22
N ILE B 153 -13.13 -21.89 15.99
CA ILE B 153 -12.38 -22.05 17.24
C ILE B 153 -11.16 -22.93 16.92
N VAL B 154 -9.97 -22.45 17.28
CA VAL B 154 -8.75 -23.21 17.01
C VAL B 154 -8.78 -24.51 17.82
N GLU B 155 -8.19 -25.57 17.26
CA GLU B 155 -8.16 -26.87 17.95
C GLU B 155 -7.04 -26.85 18.99
N ASP B 156 -7.32 -26.19 20.11
CA ASP B 156 -6.37 -26.03 21.20
C ASP B 156 -7.19 -26.07 22.49
N ALA B 157 -7.24 -27.24 23.12
CA ALA B 157 -8.15 -27.42 24.26
C ALA B 157 -7.87 -26.47 25.43
N GLU B 158 -6.59 -26.19 25.67
CA GLU B 158 -6.19 -25.31 26.78
C GLU B 158 -6.49 -23.85 26.47
N TYR B 159 -6.26 -23.45 25.21
CA TYR B 159 -6.46 -22.06 24.80
C TYR B 159 -7.26 -21.97 23.50
N PRO B 160 -8.58 -22.17 23.62
CA PRO B 160 -9.46 -22.19 22.45
C PRO B 160 -9.77 -20.79 21.87
N ASP B 161 -8.73 -20.17 21.31
CA ASP B 161 -8.86 -18.87 20.64
C ASP B 161 -9.83 -18.96 19.45
N VAL B 162 -10.56 -17.88 19.21
CA VAL B 162 -11.50 -17.81 18.09
C VAL B 162 -10.88 -16.91 17.02
N TYR B 163 -10.90 -17.36 15.77
CA TYR B 163 -10.28 -16.65 14.63
C TYR B 163 -11.29 -16.34 13.54
N PHE B 164 -11.05 -15.22 12.85
CA PHE B 164 -11.78 -14.87 11.63
C PHE B 164 -10.95 -15.31 10.42
N ARG B 165 -11.58 -16.04 9.51
CA ARG B 165 -10.90 -16.48 8.26
C ARG B 165 -10.57 -15.29 7.37
N ALA B 166 -9.29 -15.16 7.01
CA ALA B 166 -8.88 -14.09 6.08
C ALA B 166 -9.65 -14.18 4.77
N ASP B 167 -10.08 -15.39 4.39
CA ASP B 167 -10.85 -15.53 3.15
C ASP B 167 -12.38 -15.52 3.34
N ALA B 168 -12.86 -15.03 4.49
CA ALA B 168 -14.30 -15.00 4.71
C ALA B 168 -15.00 -14.09 3.72
N THR B 169 -14.31 -13.03 3.30
CA THR B 169 -14.82 -12.10 2.27
C THR B 169 -13.99 -12.21 1.00
N ALA B 170 -14.69 -12.27 -0.13
CA ALA B 170 -14.01 -12.34 -1.44
C ALA B 170 -13.18 -11.08 -1.70
N GLN B 171 -13.65 -9.96 -1.17
CA GLN B 171 -13.03 -8.67 -1.45
C GLN B 171 -11.88 -8.35 -0.51
N PHE B 172 -11.57 -9.25 0.42
CA PHE B 172 -10.51 -8.99 1.39
C PHE B 172 -9.27 -8.42 0.71
N GLY B 173 -8.79 -7.27 1.18
CA GLY B 173 -7.61 -6.64 0.60
C GLY B 173 -7.97 -5.37 -0.19
N TYR B 174 -9.27 -5.12 -0.42
CA TYR B 174 -9.65 -3.95 -1.25
C TYR B 174 -9.35 -2.62 -0.57
N GLU B 175 -9.35 -2.62 0.76
CA GLU B 175 -9.23 -1.37 1.48
C GLU B 175 -7.79 -0.89 1.48
N SER B 176 -6.85 -1.82 1.57
CA SER B 176 -5.41 -1.43 1.65
C SER B 176 -4.74 -1.52 0.28
N GLY B 177 -5.21 -2.47 -0.52
CA GLY B 177 -4.60 -2.78 -1.82
C GLY B 177 -3.29 -3.54 -1.70
N TYR B 178 -2.95 -3.97 -0.49
CA TYR B 178 -1.69 -4.67 -0.27
C TYR B 178 -1.74 -6.13 -0.71
N ASP B 179 -0.64 -6.61 -1.27
CA ASP B 179 -0.48 -8.03 -1.54
C ASP B 179 -0.27 -8.87 -0.29
N ARG B 180 -0.44 -10.18 -0.43
CA ARG B 180 -0.35 -11.09 0.72
C ARG B 180 1.00 -11.05 1.44
N ASP B 181 2.08 -10.88 0.70
CA ASP B 181 3.40 -10.90 1.34
C ASP B 181 3.58 -9.66 2.20
N THR B 182 3.19 -8.51 1.64
CA THR B 182 3.20 -7.26 2.37
C THR B 182 2.29 -7.37 3.59
N MET B 183 1.10 -7.96 3.40
CA MET B 183 0.19 -8.13 4.53
C MET B 183 0.82 -8.97 5.65
N LEU B 184 1.46 -10.09 5.31
CA LEU B 184 2.04 -10.95 6.35
C LEU B 184 3.13 -10.22 7.13
N THR B 185 3.94 -9.44 6.41
CA THR B 185 5.02 -8.68 7.03
C THR B 185 4.46 -7.63 8.00
N LEU B 186 3.41 -6.92 7.58
CA LEU B 186 2.82 -5.87 8.42
C LEU B 186 2.07 -6.51 9.59
N PHE B 187 1.41 -7.62 9.32
CA PHE B 187 0.61 -8.35 10.32
C PHE B 187 1.51 -8.77 11.47
N ALA B 188 2.69 -9.29 11.14
CA ALA B 188 3.62 -9.78 12.16
C ALA B 188 4.07 -8.65 13.09
N GLU B 189 4.19 -7.45 12.57
CA GLU B 189 4.65 -6.32 13.37
C GLU B 189 3.51 -5.60 14.13
N ARG B 190 2.31 -5.63 13.57
CA ARG B 190 1.22 -4.82 14.08
C ARG B 190 0.17 -5.67 14.80
N GLY B 191 0.67 -6.54 15.68
CA GLY B 191 -0.18 -7.26 16.63
C GLY B 191 -0.71 -8.61 16.18
N GLY B 192 -0.39 -9.02 14.97
CA GLY B 192 -0.83 -10.31 14.45
C GLY B 192 -0.06 -11.49 15.05
N ASP B 193 -0.59 -12.69 14.82
CA ASP B 193 0.01 -13.92 15.33
C ASP B 193 0.20 -14.97 14.23
N PRO B 194 1.02 -14.66 13.22
CA PRO B 194 1.11 -15.52 12.04
C PRO B 194 1.59 -16.93 12.38
N ASP B 195 2.28 -17.09 13.50
CA ASP B 195 2.86 -18.40 13.83
C ASP B 195 2.08 -19.19 14.87
N ARG B 196 0.92 -18.67 15.27
CA ARG B 196 0.10 -19.37 16.25
C ARG B 196 -0.37 -20.73 15.67
N PRO B 197 -0.09 -21.83 16.40
CA PRO B 197 -0.41 -23.17 15.85
C PRO B 197 -1.90 -23.43 15.69
N GLY B 198 -2.27 -24.08 14.59
CA GLY B 198 -3.64 -24.51 14.40
C GLY B 198 -4.50 -23.59 13.56
N LYS B 199 -3.96 -22.44 13.16
CA LYS B 199 -4.72 -21.52 12.30
C LYS B 199 -4.85 -22.05 10.87
N SER B 200 -6.00 -21.79 10.23
CA SER B 200 -6.22 -22.24 8.86
C SER B 200 -5.30 -21.52 7.87
N ASP B 201 -4.99 -20.27 8.17
CA ASP B 201 -4.18 -19.40 7.32
C ASP B 201 -3.45 -18.48 8.30
N GLN B 202 -2.18 -18.21 8.03
CA GLN B 202 -1.38 -17.33 8.87
C GLN B 202 -2.01 -15.94 9.08
N LEU B 203 -2.78 -15.49 8.09
CA LEU B 203 -3.43 -14.16 8.14
C LEU B 203 -4.78 -14.19 8.83
N ASP B 204 -5.22 -15.33 9.32
CA ASP B 204 -6.49 -15.31 10.10
C ASP B 204 -6.32 -14.43 11.33
N ALA B 205 -7.36 -13.65 11.65
CA ALA B 205 -7.27 -12.64 12.68
C ALA B 205 -7.99 -13.08 13.96
N LEU B 206 -7.31 -12.89 15.08
CA LEU B 206 -7.89 -13.20 16.37
C LEU B 206 -9.13 -12.34 16.62
N LEU B 207 -10.25 -13.02 16.92
CA LEU B 207 -11.49 -12.39 17.37
C LEU B 207 -11.67 -12.43 18.88
N TRP B 208 -11.25 -13.53 19.50
CA TRP B 208 -11.44 -13.69 20.94
C TRP B 208 -10.27 -14.49 21.46
N ARG B 209 -9.53 -13.88 22.37
CA ARG B 209 -8.39 -14.53 22.98
C ARG B 209 -8.84 -15.25 24.23
N ALA B 210 -8.66 -16.57 24.26
CA ALA B 210 -9.06 -17.37 25.41
C ALA B 210 -8.33 -16.92 26.68
N GLU B 211 -8.99 -17.08 27.83
CA GLU B 211 -8.42 -16.69 29.12
C GLU B 211 -7.01 -17.27 29.32
N ARG B 212 -6.06 -16.40 29.65
CA ARG B 212 -4.69 -16.76 30.04
C ARG B 212 -4.47 -16.35 31.49
N PRO B 213 -3.59 -17.07 32.20
CA PRO B 213 -3.24 -16.64 33.56
C PRO B 213 -2.68 -15.22 33.55
N GLY B 214 -3.13 -14.42 34.51
CA GLY B 214 -2.65 -13.05 34.63
C GLY B 214 -3.29 -12.02 33.72
N GLU B 215 -4.18 -12.46 32.82
CA GLU B 215 -4.87 -11.51 31.94
C GLU B 215 -6.33 -11.35 32.33
N PRO B 216 -6.90 -10.16 32.15
CA PRO B 216 -8.32 -9.96 32.44
C PRO B 216 -9.18 -10.77 31.48
N SER B 217 -10.30 -11.27 31.97
CA SER B 217 -11.22 -12.01 31.10
C SER B 217 -12.68 -11.62 31.32
N TRP B 218 -13.50 -11.91 30.32
CA TRP B 218 -14.93 -11.68 30.33
C TRP B 218 -15.64 -12.97 29.92
N PRO B 219 -16.86 -13.15 30.37
CA PRO B 219 -17.61 -14.36 29.98
C PRO B 219 -18.13 -14.31 28.55
N SER B 220 -18.25 -15.49 27.94
CA SER B 220 -18.96 -15.68 26.68
C SER B 220 -19.38 -17.14 26.62
N PRO B 221 -20.31 -17.49 25.74
CA PRO B 221 -20.70 -18.90 25.61
C PRO B 221 -19.67 -19.77 24.93
N PHE B 222 -18.67 -19.16 24.28
CA PHE B 222 -17.60 -19.90 23.61
C PHE B 222 -16.28 -19.77 24.38
N GLY B 223 -16.38 -19.47 25.67
CA GLY B 223 -15.24 -19.51 26.58
C GLY B 223 -14.91 -18.12 27.10
N ARG B 224 -14.37 -18.06 28.32
CA ARG B 224 -13.93 -16.77 28.89
C ARG B 224 -12.74 -16.25 28.08
N GLY B 225 -12.66 -14.95 27.95
CA GLY B 225 -11.54 -14.39 27.18
C GLY B 225 -11.66 -12.90 27.04
N ARG B 226 -10.99 -12.37 26.03
CA ARG B 226 -11.04 -10.93 25.76
C ARG B 226 -10.99 -10.68 24.26
N PRO B 227 -11.52 -9.53 23.79
CA PRO B 227 -11.62 -9.32 22.34
C PRO B 227 -10.30 -9.17 21.62
N GLY B 228 -10.34 -9.53 20.33
CA GLY B 228 -9.31 -9.12 19.38
C GLY B 228 -9.48 -7.63 19.07
N TRP B 229 -8.44 -7.00 18.57
CA TRP B 229 -8.46 -5.57 18.35
C TRP B 229 -9.46 -5.11 17.28
N HIS B 230 -9.43 -5.78 16.13
CA HIS B 230 -10.18 -5.29 15.00
C HIS B 230 -11.68 -5.40 15.21
N VAL B 231 -12.12 -6.49 15.84
CA VAL B 231 -13.56 -6.69 16.06
C VAL B 231 -14.10 -5.68 17.09
N GLU B 232 -13.23 -5.17 17.97
CA GLU B 232 -13.68 -4.09 18.89
C GLU B 232 -14.21 -2.92 18.07
N CYS B 233 -13.38 -2.43 17.16
CA CYS B 233 -13.78 -1.27 16.37
C CYS B 233 -14.92 -1.58 15.42
N SER B 234 -14.92 -2.78 14.84
CA SER B 234 -15.99 -3.17 13.96
C SER B 234 -17.31 -3.17 14.71
N ALA B 235 -17.32 -3.82 15.88
CA ALA B 235 -18.54 -3.96 16.67
C ALA B 235 -19.04 -2.62 17.19
N ILE B 236 -18.12 -1.77 17.67
CA ILE B 236 -18.52 -0.45 18.11
C ILE B 236 -19.15 0.37 16.96
N ALA B 237 -18.51 0.38 15.80
CA ALA B 237 -19.04 1.13 14.67
C ALA B 237 -20.41 0.59 14.23
N LEU B 238 -20.54 -0.74 14.12
CA LEU B 238 -21.82 -1.33 13.69
C LEU B 238 -22.97 -1.07 14.65
N THR B 239 -22.68 -1.10 15.93
CA THR B 239 -23.72 -0.98 16.95
C THR B 239 -24.08 0.48 17.23
N ARG B 240 -23.16 1.40 16.99
CA ARG B 240 -23.44 2.84 17.23
C ARG B 240 -23.95 3.56 16.00
N ILE B 241 -23.35 3.26 14.86
CA ILE B 241 -23.69 3.92 13.62
C ILE B 241 -24.54 3.04 12.70
N GLY B 242 -24.19 1.77 12.59
CA GLY B 242 -24.91 0.83 11.73
C GLY B 242 -24.25 0.73 10.37
N THR B 243 -25.00 0.26 9.40
CA THR B 243 -24.45 0.05 8.07
C THR B 243 -24.27 1.33 7.26
N GLY B 244 -24.82 2.45 7.71
CA GLY B 244 -24.62 3.70 6.92
C GLY B 244 -23.22 4.31 6.71
N LEU B 245 -22.18 3.77 7.37
CA LEU B 245 -20.99 4.58 7.74
C LEU B 245 -20.34 5.37 6.62
N ASP B 246 -20.22 6.69 6.78
CA ASP B 246 -19.66 7.53 5.73
C ASP B 246 -18.13 7.50 5.72
N ILE B 247 -17.53 7.74 6.90
CA ILE B 247 -16.07 7.81 7.00
C ILE B 247 -15.54 6.90 8.10
N GLN B 248 -14.56 6.05 7.75
CA GLN B 248 -13.73 5.39 8.76
C GLN B 248 -12.37 6.08 8.70
N GLY B 249 -11.91 6.59 9.85
CA GLY B 249 -10.66 7.35 9.87
C GLY B 249 -9.61 6.85 10.84
N GLY B 250 -8.38 7.20 10.55
CA GLY B 250 -7.25 6.98 11.48
C GLY B 250 -5.94 7.27 10.79
N GLY B 251 -4.85 6.95 11.47
CA GLY B 251 -3.53 7.10 10.85
C GLY B 251 -3.29 6.03 9.80
N SER B 252 -2.30 6.29 8.93
CA SER B 252 -1.97 5.37 7.85
C SER B 252 -1.47 4.01 8.32
N ASP B 253 -0.95 3.92 9.54
CA ASP B 253 -0.51 2.62 10.08
C ASP B 253 -1.69 1.67 10.27
N LEU B 254 -2.90 2.23 10.29
CA LEU B 254 -4.11 1.41 10.49
C LEU B 254 -4.66 0.83 9.19
N ILE B 255 -4.10 1.24 8.05
CA ILE B 255 -4.60 0.73 6.76
C ILE B 255 -4.62 -0.80 6.72
N PHE B 256 -3.53 -1.40 7.17
CA PHE B 256 -3.48 -2.84 7.36
C PHE B 256 -2.55 -3.18 8.51
N PRO B 257 -2.95 -4.11 9.40
CA PRO B 257 -4.15 -4.96 9.41
C PRO B 257 -5.46 -4.31 9.84
N HIS B 258 -5.40 -3.24 10.61
CA HIS B 258 -6.58 -2.88 11.43
C HIS B 258 -7.84 -2.57 10.61
N HIS B 259 -7.76 -1.60 9.72
CA HIS B 259 -8.98 -1.27 9.01
C HIS B 259 -9.35 -2.19 7.86
N GLU B 260 -8.41 -2.94 7.30
CA GLU B 260 -8.76 -4.18 6.60
C GLU B 260 -9.64 -5.20 7.28
N TYR B 261 -9.24 -5.57 8.49
CA TYR B 261 -10.02 -6.61 9.18
C TYR B 261 -11.30 -6.05 9.77
N SER B 262 -11.28 -4.82 10.30
CA SER B 262 -12.55 -4.28 10.82
C SER B 262 -13.61 -4.21 9.72
N ALA B 263 -13.20 -3.82 8.52
CA ALA B 263 -14.13 -3.80 7.39
C ALA B 263 -14.59 -5.21 7.03
N ALA B 264 -13.65 -6.16 6.93
CA ALA B 264 -14.02 -7.55 6.61
C ALA B 264 -14.96 -8.15 7.64
N HIS B 265 -14.70 -7.92 8.92
CA HIS B 265 -15.60 -8.46 9.96
C HIS B 265 -17.03 -7.95 9.75
N ALA B 266 -17.15 -6.64 9.51
CA ALA B 266 -18.46 -6.01 9.33
C ALA B 266 -19.14 -6.47 8.07
N GLU B 267 -18.39 -6.53 6.97
CA GLU B 267 -18.97 -6.93 5.67
C GLU B 267 -19.40 -8.39 5.73
N SER B 268 -18.59 -9.23 6.38
CA SER B 268 -18.97 -10.64 6.59
C SER B 268 -20.29 -10.76 7.36
N VAL B 269 -20.39 -10.06 8.49
CA VAL B 269 -21.53 -10.29 9.40
C VAL B 269 -22.82 -9.67 8.89
N THR B 270 -22.71 -8.61 8.11
CA THR B 270 -23.89 -7.87 7.62
C THR B 270 -24.27 -8.20 6.17
N GLY B 271 -23.30 -8.65 5.38
CA GLY B 271 -23.52 -8.87 3.94
C GLY B 271 -23.48 -7.59 3.12
N GLU B 272 -23.14 -6.47 3.76
CA GLU B 272 -22.93 -5.22 3.01
C GLU B 272 -21.66 -5.31 2.17
N ARG B 273 -21.66 -4.64 1.02
CA ARG B 273 -20.50 -4.64 0.12
C ARG B 273 -19.30 -3.90 0.73
N ARG B 274 -19.57 -2.80 1.43
CA ARG B 274 -18.53 -1.94 2.00
C ARG B 274 -18.89 -1.45 3.38
N PHE B 275 -17.98 -1.66 4.33
CA PHE B 275 -18.13 -1.19 5.71
C PHE B 275 -18.26 0.33 5.78
N ALA B 276 -17.28 1.01 5.18
CA ALA B 276 -17.28 2.49 5.11
C ALA B 276 -17.27 3.00 3.69
N ARG B 277 -18.00 4.09 3.46
CA ARG B 277 -18.05 4.68 2.10
C ARG B 277 -16.72 5.34 1.72
N HIS B 278 -16.00 5.86 2.73
CA HIS B 278 -14.69 6.49 2.56
C HIS B 278 -13.76 5.99 3.65
N TYR B 279 -12.54 5.60 3.29
CA TYR B 279 -11.49 5.28 4.26
C TYR B 279 -10.48 6.40 4.18
N VAL B 280 -10.33 7.12 5.28
CA VAL B 280 -9.56 8.38 5.27
C VAL B 280 -8.40 8.23 6.25
N HIS B 281 -7.18 8.31 5.70
CA HIS B 281 -5.97 8.07 6.49
C HIS B 281 -5.03 9.25 6.52
N THR B 282 -4.59 9.58 7.72
CA THR B 282 -3.65 10.68 7.91
C THR B 282 -2.19 10.23 7.79
N GLY B 283 -1.35 11.17 7.37
CA GLY B 283 0.10 10.95 7.36
C GLY B 283 0.67 10.82 8.75
N MET B 284 1.86 10.22 8.83
CA MET B 284 2.50 9.98 10.09
C MET B 284 3.39 11.15 10.47
N ILE B 285 3.27 11.60 11.71
CA ILE B 285 4.13 12.67 12.22
C ILE B 285 5.36 12.07 12.87
N GLY B 286 6.53 12.64 12.54
CA GLY B 286 7.82 12.21 13.12
C GLY B 286 8.55 13.34 13.80
N VAL B 300 7.35 14.90 20.96
CA VAL B 300 6.85 15.69 22.08
C VAL B 300 5.36 15.49 22.33
N LEU B 301 4.98 15.68 23.58
CA LEU B 301 3.60 15.57 24.02
C LEU B 301 2.91 16.92 23.97
N VAL B 302 1.60 16.88 23.67
CA VAL B 302 0.81 18.10 23.69
C VAL B 302 0.91 18.78 25.05
N SER B 303 0.77 17.99 26.12
CA SER B 303 0.78 18.50 27.49
C SER B 303 2.11 19.17 27.85
N GLN B 304 3.21 18.66 27.30
CA GLN B 304 4.51 19.29 27.55
C GLN B 304 4.58 20.67 26.91
N LEU B 305 4.12 20.78 25.66
CA LEU B 305 4.08 22.06 24.95
C LEU B 305 3.18 23.05 25.68
N ARG B 306 2.01 22.58 26.13
CA ARG B 306 1.09 23.41 26.90
C ARG B 306 1.76 23.91 28.18
N ALA B 307 2.44 23.02 28.89
CA ALA B 307 3.17 23.38 30.12
C ALA B 307 4.24 24.45 29.86
N GLN B 308 4.84 24.41 28.67
CA GLN B 308 5.89 25.38 28.30
C GLN B 308 5.30 26.72 27.83
N GLY B 309 3.98 26.82 27.82
CA GLY B 309 3.28 28.06 27.44
C GLY B 309 2.97 28.24 25.97
N VAL B 310 3.11 27.17 25.19
CA VAL B 310 2.78 27.19 23.76
C VAL B 310 1.26 27.33 23.59
N ASP B 311 0.82 28.23 22.71
CA ASP B 311 -0.60 28.45 22.44
C ASP B 311 -1.14 27.24 21.68
N PRO B 312 -2.19 26.55 22.20
CA PRO B 312 -2.77 25.42 21.44
C PRO B 312 -3.16 25.74 19.98
N SER B 313 -3.55 26.98 19.69
CA SER B 313 -3.81 27.39 18.30
C SER B 313 -2.57 27.34 17.41
N ALA B 314 -1.39 27.56 18.00
CA ALA B 314 -0.15 27.43 17.26
C ALA B 314 0.16 25.98 16.96
N ILE B 315 -0.16 25.09 17.89
CA ILE B 315 -0.05 23.66 17.62
C ILE B 315 -0.96 23.29 16.44
N ARG B 316 -2.22 23.72 16.50
CA ARG B 316 -3.13 23.57 15.38
C ARG B 316 -2.49 24.01 14.07
N LEU B 317 -2.12 25.30 14.00
CA LEU B 317 -1.58 25.85 12.76
C LEU B 317 -0.30 25.16 12.28
N GLY B 318 0.54 24.73 13.22
CA GLY B 318 1.77 24.03 12.84
C GLY B 318 1.43 22.72 12.16
N LEU B 319 0.48 22.01 12.75
CA LEU B 319 0.08 20.74 12.14
C LEU B 319 -0.72 20.90 10.84
N PHE B 320 -1.47 21.98 10.71
CA PHE B 320 -2.21 22.29 9.47
C PHE B 320 -1.31 22.87 8.35
N SER B 321 -0.07 23.23 8.67
CA SER B 321 0.80 23.83 7.64
C SER B 321 1.20 22.83 6.56
N GLY B 322 1.12 21.54 6.86
CA GLY B 322 1.31 20.51 5.84
C GLY B 322 -0.01 19.81 5.54
N HIS B 323 -0.09 19.18 4.37
CA HIS B 323 -1.31 18.49 3.97
C HIS B 323 -1.50 17.23 4.83
N TYR B 324 -2.74 16.94 5.21
CA TYR B 324 -2.97 15.88 6.21
C TYR B 324 -2.45 14.52 5.80
N ARG B 325 -2.36 14.27 4.49
CA ARG B 325 -1.98 12.95 3.97
C ARG B 325 -0.49 12.76 3.89
N GLU B 326 0.25 13.84 4.08
CA GLU B 326 1.71 13.81 3.98
C GLU B 326 2.35 13.41 5.31
N ASP B 327 3.33 12.51 5.26
CA ASP B 327 4.16 12.29 6.44
C ASP B 327 5.01 13.54 6.61
N ARG B 328 5.14 13.98 7.84
CA ARG B 328 5.89 15.22 8.07
C ARG B 328 6.52 15.26 9.45
N PHE B 329 7.59 16.05 9.56
CA PHE B 329 8.33 16.17 10.80
C PHE B 329 7.92 17.43 11.54
N TRP B 330 7.73 17.28 12.86
CA TRP B 330 7.58 18.41 13.74
C TRP B 330 8.97 18.94 14.10
N SER B 331 9.09 20.27 14.12
CA SER B 331 10.35 20.90 14.50
C SER B 331 10.06 22.25 15.13
N ASN B 332 11.07 22.82 15.77
CA ASN B 332 10.93 24.18 16.27
C ASN B 332 10.70 25.23 15.19
N GLU B 333 11.25 24.99 13.99
CA GLU B 333 10.96 25.83 12.84
C GLU B 333 9.48 25.84 12.48
N VAL B 334 8.85 24.66 12.51
CA VAL B 334 7.40 24.58 12.26
C VAL B 334 6.65 25.39 13.32
N LEU B 335 7.06 25.25 14.58
CA LEU B 335 6.45 25.98 15.68
C LEU B 335 6.67 27.51 15.58
N ASP B 336 7.89 27.93 15.28
CA ASP B 336 8.15 29.36 15.06
C ASP B 336 7.28 29.97 13.96
N GLU B 337 7.16 29.24 12.84
CA GLU B 337 6.33 29.64 11.71
C GLU B 337 4.87 29.77 12.15
N ALA B 338 4.40 28.80 12.93
CA ALA B 338 3.01 28.84 13.41
C ALA B 338 2.75 30.03 14.33
N ASN B 339 3.67 30.28 15.26
CA ASN B 339 3.56 31.43 16.16
C ASN B 339 3.56 32.74 15.37
N ALA B 340 4.38 32.82 14.32
CA ALA B 340 4.49 34.02 13.51
C ALA B 340 3.17 34.22 12.76
N ARG B 341 2.65 33.13 12.23
CA ARG B 341 1.37 33.17 11.53
C ARG B 341 0.23 33.59 12.45
N LEU B 342 0.17 32.98 13.63
CA LEU B 342 -0.86 33.30 14.62
C LEU B 342 -0.84 34.79 15.01
N ALA B 343 0.36 35.33 15.20
CA ALA B 343 0.53 36.75 15.53
C ALA B 343 0.01 37.66 14.42
N ARG B 344 0.33 37.33 13.16
CA ARG B 344 -0.15 38.11 12.01
C ARG B 344 -1.66 38.07 11.87
N TRP B 345 -2.24 36.88 12.01
CA TRP B 345 -3.69 36.75 11.87
C TRP B 345 -4.41 37.50 12.99
N ARG B 346 -3.83 37.47 14.19
CA ARG B 346 -4.39 38.19 15.33
C ARG B 346 -4.32 39.70 15.09
N SER B 347 -3.19 40.17 14.58
CA SER B 347 -3.02 41.59 14.23
C SER B 347 -4.07 42.07 13.24
N ALA B 348 -4.21 41.35 12.13
CA ALA B 348 -5.15 41.76 11.07
C ALA B 348 -6.60 41.74 11.53
N THR B 349 -6.98 40.73 12.29
CA THR B 349 -8.36 40.62 12.75
C THR B 349 -8.68 41.54 13.93
N ALA B 350 -7.65 42.20 14.47
CA ALA B 350 -7.83 43.23 15.50
C ALA B 350 -7.99 44.63 14.90
N LEU B 351 -7.78 44.78 13.60
CA LEU B 351 -8.01 46.05 12.90
C LEU B 351 -9.44 46.58 13.05
N PRO B 352 -9.63 47.91 13.16
CA PRO B 352 -11.00 48.45 13.19
C PRO B 352 -11.72 48.37 11.84
N GLU B 353 -10.94 48.29 10.76
CA GLU B 353 -11.45 48.16 9.40
C GLU B 353 -10.40 47.49 8.52
N ALA B 354 -10.87 46.85 7.45
CA ALA B 354 -10.00 46.10 6.54
C ALA B 354 -10.68 45.89 5.18
N PRO B 355 -9.94 45.36 4.18
CA PRO B 355 -10.57 45.02 2.89
C PRO B 355 -11.71 44.00 3.02
N ASP B 356 -12.57 43.98 2.01
CA ASP B 356 -13.66 43.03 1.99
C ASP B 356 -13.08 41.60 2.07
N ALA B 357 -13.76 40.74 2.83
CA ALA B 357 -13.30 39.37 3.07
C ALA B 357 -14.18 38.31 2.36
N THR B 358 -15.15 38.76 1.57
CA THR B 358 -16.06 37.84 0.86
C THR B 358 -15.30 36.76 0.08
N ASP B 359 -14.33 37.21 -0.74
CA ASP B 359 -13.65 36.29 -1.62
C ASP B 359 -12.68 35.35 -0.89
N VAL B 360 -11.95 35.86 0.10
CA VAL B 360 -11.02 35.00 0.84
C VAL B 360 -11.79 33.88 1.56
N ILE B 361 -12.97 34.21 2.07
CA ILE B 361 -13.78 33.18 2.78
C ILE B 361 -14.26 32.14 1.79
N ALA B 362 -14.74 32.56 0.62
CA ALA B 362 -15.13 31.59 -0.41
C ALA B 362 -13.96 30.69 -0.81
N ARG B 363 -12.78 31.31 -0.98
CA ARG B 363 -11.59 30.56 -1.37
C ARG B 363 -11.12 29.59 -0.28
N VAL B 364 -11.13 30.01 0.98
CA VAL B 364 -10.79 29.14 2.11
C VAL B 364 -11.72 27.92 2.12
N ARG B 365 -13.03 28.16 1.94
CA ARG B 365 -13.99 27.05 1.85
C ARG B 365 -13.69 26.12 0.67
N GLN B 366 -13.37 26.69 -0.50
CA GLN B 366 -12.98 25.90 -1.68
C GLN B 366 -11.74 25.03 -1.43
N TYR B 367 -10.71 25.61 -0.81
CA TYR B 367 -9.49 24.86 -0.55
C TYR B 367 -9.72 23.73 0.44
N LEU B 368 -10.45 24.02 1.51
CA LEU B 368 -10.73 22.99 2.53
C LEU B 368 -11.59 21.87 1.96
N ALA B 369 -12.53 22.22 1.06
CA ALA B 369 -13.37 21.21 0.42
C ALA B 369 -12.60 20.34 -0.56
N ASP B 370 -11.44 20.83 -1.03
CA ASP B 370 -10.63 20.08 -1.97
C ASP B 370 -9.63 19.18 -1.22
N ASP B 371 -10.13 18.11 -0.63
CA ASP B 371 -9.30 17.18 0.15
C ASP B 371 -8.51 17.91 1.25
N LEU B 372 -9.16 18.84 1.95
CA LEU B 372 -8.56 19.49 3.12
C LEU B 372 -7.23 20.17 2.77
N ASP B 373 -7.24 21.03 1.76
CA ASP B 373 -6.00 21.72 1.34
C ASP B 373 -5.65 22.87 2.29
N THR B 374 -5.23 22.51 3.50
CA THR B 374 -4.92 23.48 4.52
C THR B 374 -3.71 24.35 4.16
N PRO B 375 -2.68 23.80 3.47
CA PRO B 375 -1.60 24.73 3.07
C PRO B 375 -2.10 25.91 2.22
N LYS B 376 -2.99 25.64 1.27
CA LYS B 376 -3.53 26.72 0.41
C LYS B 376 -4.50 27.62 1.17
N ALA B 377 -5.32 27.04 2.07
CA ALA B 377 -6.19 27.86 2.92
C ALA B 377 -5.39 28.81 3.81
N LEU B 378 -4.34 28.27 4.44
CA LEU B 378 -3.45 29.09 5.26
C LEU B 378 -2.81 30.22 4.45
N ALA B 379 -2.37 29.91 3.23
CA ALA B 379 -1.74 30.92 2.36
C ALA B 379 -2.73 32.00 1.95
N ALA B 380 -3.98 31.61 1.67
CA ALA B 380 -5.02 32.57 1.33
C ALA B 380 -5.28 33.53 2.50
N LEU B 381 -5.36 32.99 3.70
CA LEU B 381 -5.57 33.80 4.88
C LEU B 381 -4.37 34.72 5.16
N ASP B 382 -3.16 34.18 4.97
CA ASP B 382 -1.93 34.99 5.07
C ASP B 382 -2.04 36.21 4.16
N GLY B 383 -2.44 35.99 2.92
CA GLY B 383 -2.54 37.04 1.88
C GLY B 383 -3.50 38.14 2.29
N TRP B 384 -4.69 37.76 2.74
CA TRP B 384 -5.66 38.74 3.20
C TRP B 384 -5.14 39.56 4.38
N CYS B 385 -4.52 38.89 5.36
CA CYS B 385 -3.99 39.55 6.55
C CYS B 385 -2.89 40.55 6.18
N THR B 386 -2.01 40.14 5.27
CA THR B 386 -0.89 40.99 4.83
C THR B 386 -1.44 42.24 4.10
N ASP B 387 -2.43 42.02 3.24
CA ASP B 387 -3.10 43.16 2.59
C ASP B 387 -3.78 44.09 3.57
N ALA B 388 -4.47 43.51 4.56
CA ALA B 388 -5.20 44.28 5.55
C ALA B 388 -4.25 45.15 6.39
N LEU B 389 -3.13 44.57 6.77
CA LEU B 389 -2.15 45.28 7.60
C LEU B 389 -1.39 46.34 6.84
N SER B 390 -1.04 46.03 5.59
CA SER B 390 -0.24 46.92 4.74
C SER B 390 -1.05 48.05 4.15
N TYR B 391 -2.18 47.69 3.54
CA TYR B 391 -2.91 48.64 2.69
C TYR B 391 -4.19 49.14 3.30
N GLY B 392 -4.72 48.40 4.26
CA GLY B 392 -5.96 48.76 4.96
C GLY B 392 -7.19 48.61 4.10
N GLY B 393 -8.31 49.14 4.58
CA GLY B 393 -9.57 49.09 3.86
C GLY B 393 -10.67 49.78 4.64
N HIS B 394 -11.90 49.70 4.14
CA HIS B 394 -13.03 50.45 4.72
C HIS B 394 -14.16 49.58 5.27
N ASP B 395 -14.00 48.26 5.22
CA ASP B 395 -15.00 47.35 5.79
C ASP B 395 -14.74 47.15 7.28
N THR B 396 -15.66 47.63 8.10
CA THR B 396 -15.49 47.59 9.55
C THR B 396 -15.88 46.22 10.12
N GLU B 397 -16.43 45.36 9.27
CA GLU B 397 -16.95 44.07 9.70
C GLU B 397 -16.04 42.91 9.31
N SER B 398 -15.22 43.12 8.28
CA SER B 398 -14.38 42.06 7.75
C SER B 398 -13.37 41.48 8.77
N PRO B 399 -12.74 42.32 9.63
CA PRO B 399 -11.85 41.72 10.64
C PRO B 399 -12.51 40.65 11.49
N ARG B 400 -13.68 40.95 12.05
CA ARG B 400 -14.39 39.99 12.90
C ARG B 400 -14.91 38.81 12.08
N LEU B 401 -15.29 39.06 10.84
CA LEU B 401 -15.76 38.01 9.94
C LEU B 401 -14.66 36.98 9.69
N VAL B 402 -13.45 37.44 9.36
CA VAL B 402 -12.32 36.54 9.16
C VAL B 402 -12.00 35.77 10.46
N ALA B 403 -12.03 36.47 11.60
CA ALA B 403 -11.77 35.82 12.89
C ALA B 403 -12.77 34.68 13.14
N THR B 404 -14.05 34.96 12.87
CA THR B 404 -15.09 33.95 13.12
C THR B 404 -14.94 32.77 12.15
N THR B 405 -14.51 33.05 10.92
CA THR B 405 -14.29 32.00 9.92
C THR B 405 -13.16 31.06 10.36
N VAL B 406 -12.06 31.66 10.79
CA VAL B 406 -10.93 30.87 11.27
C VAL B 406 -11.29 30.03 12.51
N ASP B 407 -12.10 30.61 13.40
CA ASP B 407 -12.60 29.88 14.57
C ASP B 407 -13.52 28.71 14.14
N ALA B 408 -14.53 29.00 13.33
CA ALA B 408 -15.50 27.97 12.93
C ALA B 408 -14.87 26.84 12.13
N LEU B 409 -14.04 27.20 11.14
CA LEU B 409 -13.54 26.19 10.19
C LEU B 409 -12.25 25.55 10.67
N LEU B 410 -11.35 26.35 11.25
CA LEU B 410 -10.04 25.81 11.58
C LEU B 410 -9.85 25.55 13.07
N GLY B 411 -10.81 26.01 13.88
CA GLY B 411 -10.73 25.84 15.34
C GLY B 411 -9.68 26.69 16.03
N VAL B 412 -9.20 27.70 15.30
CA VAL B 412 -8.13 28.58 15.78
C VAL B 412 -8.78 29.81 16.44
N ASP B 413 -8.35 30.06 17.67
CA ASP B 413 -8.91 31.08 18.52
C ASP B 413 -8.03 32.33 18.44
N LEU B 414 -8.37 33.28 17.56
CA LEU B 414 -7.59 34.50 17.40
C LEU B 414 -7.84 35.48 18.56
ZN ZN C . 15.47 -5.86 -9.06
S SO4 D . 27.13 -6.69 9.52
O1 SO4 D . 28.21 -7.55 9.03
O2 SO4 D . 27.55 -5.29 9.37
O3 SO4 D . 25.91 -6.93 8.75
O4 SO4 D . 26.86 -6.97 10.92
S SO4 E . 8.09 -24.03 -30.39
O1 SO4 E . 7.60 -25.29 -30.95
O2 SO4 E . 9.51 -23.89 -30.69
O3 SO4 E . 7.40 -22.88 -30.98
O4 SO4 E . 7.89 -24.04 -28.94
S SO4 F . 39.99 -7.48 -7.26
O1 SO4 F . 41.00 -8.49 -6.94
O2 SO4 F . 40.63 -6.16 -7.31
O3 SO4 F . 39.35 -7.76 -8.54
O4 SO4 F . 38.97 -7.51 -6.21
S SO4 G . -19.78 -19.88 -39.83
O1 SO4 G . -20.20 -21.19 -39.31
O2 SO4 G . -18.62 -20.06 -40.72
O3 SO4 G . -20.87 -19.28 -40.60
O4 SO4 G . -19.44 -19.01 -38.72
N 5CA H . 16.54 -10.93 -7.48
CA 5CA H . 15.18 -10.40 -7.28
CB 5CA H . 14.80 -9.00 -7.65
SG 5CA H . 16.17 -8.11 -8.42
C 5CA H . 14.20 -11.19 -6.50
O 5CA H . 13.26 -10.76 -5.80
N3S 5CA H . 14.40 -12.43 -6.87
S 5CA H . 13.50 -13.64 -6.43
O1S 5CA H . 13.26 -13.63 -4.97
O2S 5CA H . 14.08 -14.90 -6.96
O5' 5CA H . 12.22 -13.37 -7.15
C5' 5CA H . 12.17 -13.30 -8.63
C4' 5CA H . 10.88 -12.62 -8.69
O4' 5CA H . 9.70 -13.34 -8.64
C3' 5CA H . 10.39 -11.15 -8.73
O3' 5CA H . 10.09 -10.26 -9.67
C2' 5CA H . 9.73 -11.21 -7.46
O2' 5CA H . 9.02 -10.08 -7.03
C1' 5CA H . 8.84 -12.43 -7.81
N9 5CA H . 8.36 -13.26 -6.76
C8 5CA H . 8.94 -13.73 -5.65
N7 5CA H . 8.13 -14.56 -4.94
C5 5CA H . 6.92 -14.62 -5.67
C6 5CA H . 5.63 -15.36 -5.44
N6 5CA H . 5.47 -16.11 -4.34
N1 5CA H . 4.64 -15.13 -6.41
C2 5CA H . 4.81 -14.30 -7.55
N3 5CA H . 6.01 -13.61 -7.81
C4 5CA H . 7.07 -13.80 -6.84
OH2 1PE I . 42.22 -5.69 12.41
C12 1PE I . 42.68 -6.76 11.59
C22 1PE I . 41.72 -7.95 11.68
OH3 1PE I . 41.84 -8.67 10.44
C13 1PE I . 41.58 -10.66 9.19
C23 1PE I . 41.26 -9.98 10.51
OH4 1PE I . 40.70 -10.06 8.25
C14 1PE I . 39.88 -9.93 6.06
C24 1PE I . 40.98 -10.47 6.92
OH5 1PE I . 40.03 -8.52 6.03
C15 1PE I . 38.93 -6.42 5.81
C25 1PE I . 38.91 -7.89 5.40
OH6 1PE I . 37.66 -6.04 6.34
C16 1PE I . 36.82 -5.68 8.55
C26 1PE I . 37.73 -5.12 7.45
OH7 1PE I . 37.31 -5.36 9.85
ZN ZN J . -9.70 1.11 15.75
S SO4 K . -21.84 17.90 0.86
O1 SO4 K . -21.54 16.93 -0.18
O2 SO4 K . -20.62 18.68 1.15
O3 SO4 K . -22.91 18.77 0.39
O4 SO4 K . -22.21 17.22 2.09
S SO4 L . -14.13 28.41 23.62
O1 SO4 L . -14.97 27.55 24.46
O2 SO4 L . -12.76 27.89 23.58
O3 SO4 L . -14.69 28.46 22.27
O4 SO4 L . -14.13 29.76 24.17
N 5CA M . -6.29 2.33 19.76
CA 5CA M . -5.82 2.48 18.39
CB 5CA M . -6.70 2.34 17.18
SG 5CA M . -8.31 1.57 17.61
C 5CA M . -4.49 3.03 18.11
O 5CA M . -3.87 2.90 17.04
N3S 5CA M . -4.19 3.82 19.12
S 5CA M . -2.90 4.74 19.12
O1S 5CA M . -1.64 4.01 18.87
O2S 5CA M . -2.94 5.47 20.41
O5' 5CA M . -3.13 5.73 18.05
C5' 5CA M . -4.29 6.62 18.08
C4' 5CA M . -4.33 7.08 16.71
O4' 5CA M . -3.41 8.03 16.17
C3' 5CA M . -4.65 6.40 15.45
O3' 5CA M . -5.67 6.73 14.49
C2' 5CA M . -3.33 6.04 14.94
O2' 5CA M . -3.31 5.70 13.54
C1' 5CA M . -2.73 7.47 15.05
N9 5CA M . -1.35 7.56 15.09
C8 5CA M . -0.46 6.87 15.85
N7 5CA M . 0.78 7.32 15.74
C5 5CA M . 0.77 8.39 14.80
C6 5CA M . 1.80 9.33 14.31
N6 5CA M . 3.11 9.21 14.58
N1 5CA M . 1.34 10.29 13.40
C2 5CA M . -0.01 10.46 13.02
N3 5CA M . -1.02 9.64 13.51
C4 5CA M . -0.62 8.57 14.43
N1 EPE N . -11.61 0.89 33.23
C2 EPE N . -12.64 1.64 32.48
C3 EPE N . -12.02 2.92 31.87
N4 EPE N . -10.79 2.62 31.08
C5 EPE N . -9.82 1.83 31.86
C6 EPE N . -10.45 0.54 32.37
C7 EPE N . -10.05 3.85 30.71
C8 EPE N . -10.64 4.59 29.50
O8 EPE N . -11.55 3.75 28.77
C9 EPE N . -12.16 -0.27 33.98
C10 EPE N . -12.22 -1.56 33.13
S EPE N . -13.01 -2.62 33.72
O1S EPE N . -12.82 -3.78 32.70
O2S EPE N . -14.40 -2.10 33.91
O3S EPE N . -12.27 -2.97 35.13
#